data_4R7T
#
_entry.id   4R7T
#
_cell.length_a   78.359
_cell.length_b   135.124
_cell.length_c   86.001
_cell.angle_alpha   90.00
_cell.angle_beta   106.15
_cell.angle_gamma   90.00
#
_symmetry.space_group_name_H-M   'C 1 2 1'
#
loop_
_entity.id
_entity.type
_entity.pdbx_description
1 polymer 'Glucosamine-6-phosphate deaminase'
2 non-polymer 'MAGNESIUM ION'
3 non-polymer 'CHLORIDE ION'
4 non-polymer GLYCEROL
5 non-polymer 'FORMIC ACID'
6 water water
#
_entity_poly.entity_id   1
_entity_poly.type   'polypeptide(L)'
_entity_poly.pdbx_seq_one_letter_code
;MRLIPLKAAAQVGKWAAAHIVKRINEFQPTAERPFVLGLPTGGTPLATYKALIEMHKAGEVSFKHVVTFNMDEYVGLAAD
HPESYRSFMYNNFFNHIDIQEENINLLNGNTDDHEAECKRYEDKIKSYGKINLFMGGVGNDGHIAFNEPASSLSSRTRIK
TLTEDTRIANSRFFDGDINQVPKYALTIGVGTLLDAQEIMILVTGHNKALALQAAVEGSVNHLWTVSALQLHPKAVIVCD
EPSTQELKVKTVKYFTELEAKNIVGFRGENLYFQ
;
_entity_poly.pdbx_strand_id   A,B,C
#
# COMPACT_ATOMS: atom_id res chain seq x y z
N MET A 1 -2.45 -9.08 9.24
CA MET A 1 -3.42 -10.07 8.79
C MET A 1 -3.43 -11.29 9.73
N ARG A 2 -4.61 -11.85 9.95
CA ARG A 2 -4.73 -13.04 10.81
C ARG A 2 -4.56 -14.36 10.07
N LEU A 3 -3.82 -15.27 10.67
CA LEU A 3 -3.69 -16.61 10.15
C LEU A 3 -4.18 -17.62 11.20
N ILE A 4 -5.17 -18.41 10.83
CA ILE A 4 -5.72 -19.40 11.73
C ILE A 4 -5.31 -20.77 11.23
N PRO A 5 -4.30 -21.36 11.87
CA PRO A 5 -3.78 -22.64 11.38
C PRO A 5 -4.51 -23.83 12.02
N LEU A 6 -5.24 -24.56 11.19
N LEU A 6 -5.26 -24.57 11.21
CA LEU A 6 -6.01 -25.73 11.63
CA LEU A 6 -5.96 -25.75 11.69
C LEU A 6 -5.50 -27.00 10.95
C LEU A 6 -5.29 -27.01 11.19
N LYS A 7 -5.89 -28.16 11.47
CA LYS A 7 -5.34 -29.43 10.99
C LYS A 7 -5.89 -29.81 9.61
N ALA A 8 -7.21 -29.79 9.47
CA ALA A 8 -7.86 -30.35 8.29
C ALA A 8 -9.01 -29.49 7.83
N ALA A 9 -9.41 -29.66 6.58
CA ALA A 9 -10.43 -28.80 5.97
C ALA A 9 -11.77 -28.84 6.72
N ALA A 10 -12.09 -29.99 7.30
CA ALA A 10 -13.28 -30.14 8.13
C ALA A 10 -13.34 -29.05 9.22
N GLN A 11 -12.22 -28.88 9.92
CA GLN A 11 -12.12 -27.86 10.97
C GLN A 11 -12.07 -26.44 10.41
N VAL A 12 -11.49 -26.29 9.22
CA VAL A 12 -11.45 -24.99 8.58
C VAL A 12 -12.89 -24.53 8.35
N GLY A 13 -13.69 -25.43 7.80
CA GLY A 13 -15.11 -25.19 7.58
C GLY A 13 -15.87 -24.83 8.85
N LYS A 14 -15.78 -25.69 9.86
CA LYS A 14 -16.40 -25.41 11.17
C LYS A 14 -15.92 -24.08 11.78
N TRP A 15 -14.63 -23.76 11.63
CA TRP A 15 -14.15 -22.48 12.14
C TRP A 15 -14.79 -21.31 11.38
N ALA A 16 -14.77 -21.37 10.05
CA ALA A 16 -15.30 -20.29 9.24
C ALA A 16 -16.79 -20.07 9.50
N ALA A 17 -17.53 -21.17 9.64
CA ALA A 17 -18.95 -21.09 9.98
C ALA A 17 -19.16 -20.37 11.31
N ALA A 18 -18.43 -20.77 12.33
CA ALA A 18 -18.60 -20.21 13.67
C ALA A 18 -18.23 -18.73 13.69
N HIS A 19 -17.27 -18.34 12.85
CA HIS A 19 -16.91 -16.94 12.73
C HIS A 19 -18.04 -16.15 12.05
N ILE A 20 -18.62 -16.74 11.01
CA ILE A 20 -19.77 -16.12 10.36
C ILE A 20 -20.93 -15.98 11.33
N VAL A 21 -21.25 -17.05 12.03
CA VAL A 21 -22.24 -16.99 13.11
C VAL A 21 -21.91 -15.90 14.14
N LYS A 22 -20.65 -15.82 14.58
CA LYS A 22 -20.26 -14.83 15.58
C LYS A 22 -20.53 -13.41 15.11
N ARG A 23 -20.19 -13.12 13.85
CA ARG A 23 -20.37 -11.78 13.31
C ARG A 23 -21.83 -11.43 13.10
N ILE A 24 -22.63 -12.40 12.65
CA ILE A 24 -24.05 -12.12 12.48
C ILE A 24 -24.70 -11.78 13.84
N ASN A 25 -24.49 -12.65 14.83
CA ASN A 25 -25.15 -12.45 16.13
C ASN A 25 -24.67 -11.22 16.90
N GLU A 26 -23.40 -10.83 16.75
CA GLU A 26 -22.95 -9.54 17.29
C GLU A 26 -23.55 -8.35 16.53
N PHE A 27 -23.71 -8.49 15.21
CA PHE A 27 -24.31 -7.43 14.41
C PHE A 27 -25.80 -7.23 14.74
N GLN A 28 -26.50 -8.34 14.96
CA GLN A 28 -27.94 -8.35 15.30
C GLN A 28 -28.77 -7.71 14.18
N PRO A 29 -28.84 -8.38 13.03
CA PRO A 29 -29.48 -7.80 11.84
C PRO A 29 -31.00 -7.70 11.94
N THR A 30 -31.55 -6.67 11.31
CA THR A 30 -32.99 -6.47 11.23
C THR A 30 -33.36 -6.17 9.79
N ALA A 31 -34.64 -5.93 9.56
CA ALA A 31 -35.10 -5.54 8.23
C ALA A 31 -34.44 -4.23 7.80
N GLU A 32 -34.49 -3.24 8.69
CA GLU A 32 -33.86 -1.95 8.43
C GLU A 32 -32.36 -2.11 8.22
N ARG A 33 -31.74 -2.91 9.09
CA ARG A 33 -30.29 -3.01 9.14
C ARG A 33 -29.81 -4.46 8.95
N PRO A 34 -29.76 -4.92 7.70
CA PRO A 34 -29.35 -6.30 7.41
C PRO A 34 -27.85 -6.54 7.53
N PHE A 35 -27.48 -7.79 7.83
CA PHE A 35 -26.09 -8.18 7.76
C PHE A 35 -25.78 -8.55 6.29
N VAL A 36 -24.77 -7.91 5.71
CA VAL A 36 -24.43 -8.17 4.31
C VAL A 36 -23.20 -9.05 4.19
N LEU A 37 -23.42 -10.22 3.61
CA LEU A 37 -22.42 -11.27 3.54
C LEU A 37 -22.01 -11.51 2.09
N GLY A 38 -20.71 -11.48 1.82
CA GLY A 38 -20.17 -11.81 0.52
C GLY A 38 -19.71 -13.26 0.49
N LEU A 39 -19.95 -13.97 -0.62
CA LEU A 39 -19.76 -15.41 -0.65
C LEU A 39 -19.11 -15.98 -1.91
N PRO A 40 -18.37 -17.09 -1.74
CA PRO A 40 -17.70 -17.82 -2.82
C PRO A 40 -18.44 -19.08 -3.24
N THR A 41 -17.85 -19.81 -4.19
CA THR A 41 -18.34 -21.13 -4.59
C THR A 41 -17.19 -22.11 -4.66
N GLY A 42 -17.48 -23.40 -4.73
CA GLY A 42 -16.43 -24.38 -4.92
C GLY A 42 -16.31 -25.36 -3.78
N GLY A 43 -15.37 -26.28 -3.92
CA GLY A 43 -15.20 -27.38 -2.97
C GLY A 43 -14.76 -26.93 -1.60
N THR A 44 -13.99 -25.86 -1.55
CA THR A 44 -13.41 -25.39 -0.29
C THR A 44 -14.44 -24.72 0.64
N PRO A 45 -15.28 -23.80 0.13
CA PRO A 45 -16.32 -23.23 1.00
C PRO A 45 -17.44 -24.20 1.36
N LEU A 46 -17.48 -25.34 0.70
CA LEU A 46 -18.53 -26.32 0.90
C LEU A 46 -18.64 -26.76 2.37
N ALA A 47 -17.50 -27.08 2.97
CA ALA A 47 -17.49 -27.50 4.36
C ALA A 47 -18.07 -26.42 5.27
N THR A 48 -17.82 -25.16 4.93
CA THR A 48 -18.36 -24.06 5.70
C THR A 48 -19.89 -23.97 5.58
N TYR A 49 -20.39 -24.13 4.36
CA TYR A 49 -21.82 -24.12 4.10
C TYR A 49 -22.55 -25.24 4.85
N LYS A 50 -21.99 -26.44 4.86
CA LYS A 50 -22.60 -27.56 5.56
C LYS A 50 -22.69 -27.28 7.06
N ALA A 51 -21.57 -26.84 7.64
CA ALA A 51 -21.53 -26.51 9.05
C ALA A 51 -22.46 -25.32 9.38
N LEU A 52 -22.62 -24.41 8.43
CA LEU A 52 -23.53 -23.30 8.64
C LEU A 52 -24.95 -23.80 8.75
N ILE A 53 -25.28 -24.79 7.90
CA ILE A 53 -26.62 -25.33 7.85
C ILE A 53 -26.90 -26.08 9.16
N GLU A 54 -25.99 -26.93 9.61
CA GLU A 54 -26.19 -27.67 10.87
C GLU A 54 -26.35 -26.71 12.07
N MET A 55 -25.62 -25.59 12.04
CA MET A 55 -25.70 -24.56 13.07
C MET A 55 -27.07 -23.89 13.04
N HIS A 56 -27.61 -23.70 11.84
CA HIS A 56 -28.89 -23.04 11.71
C HIS A 56 -30.02 -23.96 12.12
N LYS A 57 -29.91 -25.24 11.76
CA LYS A 57 -30.93 -26.22 12.14
C LYS A 57 -31.01 -26.43 13.66
N ALA A 58 -29.89 -26.27 14.34
CA ALA A 58 -29.88 -26.37 15.79
C ALA A 58 -30.30 -25.06 16.48
N GLY A 59 -30.66 -24.05 15.69
CA GLY A 59 -31.12 -22.78 16.21
C GLY A 59 -30.06 -21.77 16.66
N GLU A 60 -28.87 -21.85 16.09
CA GLU A 60 -27.78 -20.98 16.53
C GLU A 60 -27.68 -19.67 15.71
N VAL A 61 -28.30 -19.64 14.54
CA VAL A 61 -28.25 -18.45 13.70
C VAL A 61 -29.43 -18.41 12.74
N SER A 62 -29.88 -17.21 12.39
CA SER A 62 -30.94 -17.05 11.42
C SER A 62 -30.46 -16.17 10.26
N PHE A 63 -30.86 -16.52 9.04
CA PHE A 63 -30.49 -15.76 7.85
C PHE A 63 -31.61 -14.90 7.32
N LYS A 64 -32.69 -14.76 8.09
CA LYS A 64 -33.83 -13.95 7.69
C LYS A 64 -33.47 -12.51 7.33
N HIS A 65 -32.50 -11.95 8.03
CA HIS A 65 -32.08 -10.58 7.73
C HIS A 65 -30.61 -10.56 7.35
N VAL A 66 -30.21 -11.62 6.68
CA VAL A 66 -28.89 -11.70 6.07
C VAL A 66 -29.03 -11.49 4.57
N VAL A 67 -28.24 -10.54 4.06
CA VAL A 67 -28.24 -10.23 2.63
C VAL A 67 -26.92 -10.70 2.03
N THR A 68 -27.01 -11.40 0.90
CA THR A 68 -25.82 -11.99 0.29
C THR A 68 -25.50 -11.47 -1.10
N PHE A 69 -24.21 -11.39 -1.39
CA PHE A 69 -23.70 -11.14 -2.74
C PHE A 69 -22.68 -12.23 -3.10
N ASN A 70 -22.77 -12.79 -4.30
CA ASN A 70 -21.78 -13.76 -4.74
C ASN A 70 -20.72 -13.16 -5.66
N MET A 71 -19.57 -13.83 -5.73
CA MET A 71 -18.42 -13.35 -6.49
C MET A 71 -18.61 -13.42 -8.00
N ASP A 72 -19.16 -14.54 -8.49
CA ASP A 72 -19.01 -14.91 -9.88
C ASP A 72 -20.30 -15.43 -10.52
N GLU A 73 -20.34 -15.44 -11.86
CA GLU A 73 -21.35 -16.21 -12.60
C GLU A 73 -20.92 -16.39 -14.07
N TYR A 74 -21.24 -17.55 -14.63
CA TYR A 74 -20.93 -17.78 -16.04
C TYR A 74 -21.75 -16.84 -16.93
N VAL A 75 -21.13 -16.38 -18.02
CA VAL A 75 -21.84 -15.65 -19.05
C VAL A 75 -22.47 -16.63 -20.05
N GLY A 76 -23.72 -16.40 -20.42
CA GLY A 76 -24.34 -17.17 -21.49
C GLY A 76 -25.05 -18.46 -21.08
N LEU A 77 -24.95 -18.84 -19.81
CA LEU A 77 -25.53 -20.10 -19.31
C LEU A 77 -26.84 -19.88 -18.53
N ALA A 78 -27.87 -20.67 -18.85
CA ALA A 78 -29.14 -20.59 -18.13
C ALA A 78 -28.91 -20.61 -16.61
N ALA A 79 -29.57 -19.72 -15.87
CA ALA A 79 -29.30 -19.59 -14.44
C ALA A 79 -29.74 -20.84 -13.66
N ASP A 80 -30.71 -21.57 -14.19
CA ASP A 80 -31.20 -22.79 -13.55
C ASP A 80 -30.39 -24.02 -13.97
N HIS A 81 -29.43 -23.83 -14.89
CA HIS A 81 -28.56 -24.93 -15.28
C HIS A 81 -27.78 -25.40 -14.06
N PRO A 82 -27.64 -26.72 -13.90
CA PRO A 82 -26.98 -27.29 -12.71
C PRO A 82 -25.55 -26.81 -12.50
N GLU A 83 -24.89 -26.35 -13.57
CA GLU A 83 -23.51 -25.89 -13.45
C GLU A 83 -23.36 -24.37 -13.32
N SER A 84 -24.44 -23.64 -13.06
CA SER A 84 -24.30 -22.20 -12.82
C SER A 84 -23.92 -21.95 -11.35
N TYR A 85 -23.29 -20.82 -11.09
CA TYR A 85 -22.94 -20.46 -9.72
C TYR A 85 -24.21 -20.27 -8.87
N ARG A 86 -25.29 -19.80 -9.50
CA ARG A 86 -26.56 -19.69 -8.79
C ARG A 86 -27.01 -21.05 -8.25
N SER A 87 -26.99 -22.04 -9.13
CA SER A 87 -27.38 -23.39 -8.77
C SER A 87 -26.51 -23.96 -7.66
N PHE A 88 -25.21 -23.69 -7.72
CA PHE A 88 -24.33 -24.15 -6.67
C PHE A 88 -24.80 -23.58 -5.34
N MET A 89 -24.97 -22.28 -5.33
CA MET A 89 -25.33 -21.55 -4.12
C MET A 89 -26.68 -22.02 -3.56
N TYR A 90 -27.64 -22.24 -4.45
CA TYR A 90 -28.95 -22.66 -3.99
C TYR A 90 -28.91 -24.11 -3.53
N ASN A 91 -28.34 -25.00 -4.32
CA ASN A 91 -28.39 -26.42 -3.98
C ASN A 91 -27.51 -26.79 -2.78
N ASN A 92 -26.45 -26.02 -2.55
CA ASN A 92 -25.52 -26.33 -1.47
C ASN A 92 -25.73 -25.46 -0.24
N PHE A 93 -26.49 -24.37 -0.37
CA PHE A 93 -26.68 -23.50 0.79
C PHE A 93 -28.08 -22.88 0.91
N PHE A 94 -28.46 -22.05 -0.04
CA PHE A 94 -29.67 -21.24 0.09
C PHE A 94 -30.96 -22.06 0.27
N ASN A 95 -31.11 -23.18 -0.45
CA ASN A 95 -32.29 -24.05 -0.26
C ASN A 95 -32.41 -24.66 1.15
N HIS A 96 -31.33 -24.61 1.92
CA HIS A 96 -31.25 -25.29 3.21
C HIS A 96 -31.45 -24.38 4.42
N ILE A 97 -31.70 -23.10 4.18
N ILE A 97 -31.73 -23.10 4.15
CA ILE A 97 -31.72 -22.14 5.28
CA ILE A 97 -31.63 -22.06 5.17
C ILE A 97 -32.90 -21.19 5.15
C ILE A 97 -32.79 -21.04 5.06
N ASP A 98 -33.07 -20.33 6.15
CA ASP A 98 -34.20 -19.39 6.18
C ASP A 98 -33.86 -18.03 5.56
N ILE A 99 -33.08 -18.05 4.48
CA ILE A 99 -32.75 -16.84 3.74
C ILE A 99 -33.95 -16.39 2.90
N GLN A 100 -34.04 -15.09 2.63
CA GLN A 100 -35.16 -14.54 1.84
C GLN A 100 -34.74 -14.28 0.41
N GLU A 101 -35.63 -14.64 -0.52
CA GLU A 101 -35.35 -14.54 -1.95
C GLU A 101 -34.88 -13.12 -2.36
N GLU A 102 -35.56 -12.10 -1.87
CA GLU A 102 -35.23 -10.73 -2.24
C GLU A 102 -33.87 -10.33 -1.68
N ASN A 103 -33.41 -11.02 -0.65
CA ASN A 103 -32.12 -10.71 -0.04
C ASN A 103 -30.94 -11.46 -0.66
N ILE A 104 -31.21 -12.20 -1.74
CA ILE A 104 -30.13 -12.93 -2.42
C ILE A 104 -29.69 -12.16 -3.67
N ASN A 105 -28.39 -11.99 -3.83
CA ASN A 105 -27.88 -11.24 -4.96
C ASN A 105 -26.82 -12.00 -5.71
N LEU A 106 -27.03 -12.13 -7.01
CA LEU A 106 -26.07 -12.79 -7.88
C LEU A 106 -25.95 -12.01 -9.16
N LEU A 107 -24.86 -12.20 -9.87
CA LEU A 107 -24.71 -11.53 -11.15
C LEU A 107 -25.55 -12.26 -12.18
N ASN A 108 -26.20 -11.49 -13.04
CA ASN A 108 -26.96 -12.04 -14.15
C ASN A 108 -26.04 -12.14 -15.35
N GLY A 109 -25.73 -13.38 -15.75
CA GLY A 109 -24.80 -13.62 -16.85
C GLY A 109 -25.39 -13.53 -18.26
N ASN A 110 -26.64 -13.11 -18.35
CA ASN A 110 -27.38 -13.26 -19.59
C ASN A 110 -28.15 -12.00 -19.96
N THR A 111 -27.64 -10.82 -19.60
CA THR A 111 -28.24 -9.58 -20.11
C THR A 111 -27.61 -9.18 -21.43
N ASP A 112 -28.11 -8.10 -22.01
CA ASP A 112 -27.54 -7.57 -23.25
C ASP A 112 -26.58 -6.42 -22.97
N ASP A 113 -26.21 -6.25 -21.70
CA ASP A 113 -25.23 -5.22 -21.37
C ASP A 113 -24.47 -5.64 -20.13
N HIS A 114 -23.34 -6.32 -20.33
CA HIS A 114 -22.55 -6.82 -19.22
C HIS A 114 -22.02 -5.70 -18.33
N GLU A 115 -21.51 -4.65 -18.95
CA GLU A 115 -21.07 -3.46 -18.23
C GLU A 115 -22.20 -2.87 -17.38
N ALA A 116 -23.41 -2.78 -17.93
CA ALA A 116 -24.53 -2.20 -17.18
C ALA A 116 -24.93 -3.13 -16.03
N GLU A 117 -24.83 -4.44 -16.27
CA GLU A 117 -25.17 -5.39 -15.22
C GLU A 117 -24.14 -5.35 -14.09
N CYS A 118 -22.87 -5.21 -14.45
CA CYS A 118 -21.83 -5.12 -13.42
C CYS A 118 -21.99 -3.83 -12.64
N LYS A 119 -22.42 -2.77 -13.32
CA LYS A 119 -22.67 -1.50 -12.67
C LYS A 119 -23.86 -1.62 -11.72
N ARG A 120 -24.91 -2.28 -12.18
CA ARG A 120 -26.07 -2.53 -11.33
C ARG A 120 -25.69 -3.27 -10.03
N TYR A 121 -24.87 -4.31 -10.17
CA TYR A 121 -24.38 -5.07 -9.04
C TYR A 121 -23.59 -4.21 -8.05
N GLU A 122 -22.70 -3.35 -8.54
CA GLU A 122 -21.92 -2.49 -7.64
C GLU A 122 -22.85 -1.51 -6.94
N ASP A 123 -23.76 -0.90 -7.69
CA ASP A 123 -24.75 0.00 -7.13
C ASP A 123 -25.53 -0.68 -5.98
N LYS A 124 -25.99 -1.91 -6.18
CA LYS A 124 -26.75 -2.60 -5.13
C LYS A 124 -25.93 -2.77 -3.84
N ILE A 125 -24.68 -3.19 -3.99
CA ILE A 125 -23.79 -3.32 -2.86
C ILE A 125 -23.71 -2.00 -2.09
N LYS A 126 -23.41 -0.91 -2.80
CA LYS A 126 -23.35 0.41 -2.17
C LYS A 126 -24.66 0.86 -1.53
N SER A 127 -25.79 0.36 -2.03
CA SER A 127 -27.08 0.73 -1.45
C SER A 127 -27.24 0.21 -0.02
N TYR A 128 -26.40 -0.75 0.38
CA TYR A 128 -26.37 -1.23 1.76
C TYR A 128 -25.21 -0.61 2.56
N GLY A 129 -24.43 0.23 1.89
CA GLY A 129 -23.24 0.80 2.50
C GLY A 129 -22.02 -0.06 2.25
N LYS A 130 -21.86 -1.10 3.07
CA LYS A 130 -20.72 -1.99 2.93
C LYS A 130 -21.13 -3.45 3.10
N ILE A 131 -20.32 -4.33 2.54
CA ILE A 131 -20.38 -5.74 2.87
C ILE A 131 -19.70 -5.94 4.23
N ASN A 132 -20.42 -6.49 5.19
CA ASN A 132 -19.88 -6.62 6.53
C ASN A 132 -18.79 -7.68 6.63
N LEU A 133 -18.94 -8.77 5.90
CA LEU A 133 -17.96 -9.86 5.92
C LEU A 133 -17.92 -10.52 4.56
N PHE A 134 -16.74 -10.63 3.98
CA PHE A 134 -16.65 -11.27 2.68
C PHE A 134 -15.81 -12.53 2.79
N MET A 135 -16.43 -13.67 2.47
CA MET A 135 -15.72 -14.94 2.47
C MET A 135 -15.29 -15.29 1.06
N GLY A 136 -14.07 -15.79 0.92
CA GLY A 136 -13.60 -16.24 -0.37
C GLY A 136 -12.56 -17.35 -0.32
N GLY A 137 -12.11 -17.77 -1.49
CA GLY A 137 -10.95 -18.63 -1.59
C GLY A 137 -9.83 -17.91 -2.35
N VAL A 138 -8.83 -18.67 -2.73
CA VAL A 138 -7.69 -18.14 -3.44
C VAL A 138 -7.26 -19.13 -4.53
N GLY A 139 -6.78 -18.65 -5.67
CA GLY A 139 -6.23 -19.55 -6.68
C GLY A 139 -4.88 -20.11 -6.27
N ASN A 140 -4.40 -21.11 -6.99
CA ASN A 140 -3.07 -21.66 -6.76
C ASN A 140 -2.00 -20.58 -6.99
N ASP A 141 -2.30 -19.65 -7.89
CA ASP A 141 -1.41 -18.53 -8.19
C ASP A 141 -1.79 -17.25 -7.41
N GLY A 142 -2.55 -17.40 -6.33
CA GLY A 142 -2.92 -16.27 -5.50
C GLY A 142 -4.05 -15.35 -6.00
N HIS A 143 -4.66 -15.68 -7.12
CA HIS A 143 -5.69 -14.79 -7.65
C HIS A 143 -7.01 -14.91 -6.87
N ILE A 144 -7.85 -13.88 -7.01
N ILE A 144 -7.83 -13.87 -7.01
CA ILE A 144 -9.13 -13.86 -6.33
CA ILE A 144 -9.13 -13.76 -6.36
C ILE A 144 -10.27 -13.77 -7.34
C ILE A 144 -10.24 -13.81 -7.40
N ALA A 145 -11.25 -14.66 -7.18
CA ALA A 145 -12.38 -14.77 -8.11
C ALA A 145 -11.87 -15.06 -9.53
N PHE A 146 -12.36 -14.32 -10.53
CA PHE A 146 -11.78 -14.45 -11.88
C PHE A 146 -10.83 -13.30 -12.23
N ASN A 147 -10.36 -12.59 -11.23
CA ASN A 147 -9.36 -11.55 -11.46
C ASN A 147 -8.00 -12.13 -11.82
N GLU A 148 -7.43 -11.63 -12.92
CA GLU A 148 -6.10 -12.05 -13.32
C GLU A 148 -5.04 -11.70 -12.26
N PRO A 149 -3.97 -12.49 -12.15
CA PRO A 149 -2.79 -11.93 -11.49
C PRO A 149 -2.42 -10.65 -12.20
N ALA A 150 -1.90 -9.68 -11.45
CA ALA A 150 -1.55 -8.34 -11.94
C ALA A 150 -2.82 -7.49 -12.11
N SER A 151 -3.94 -7.97 -11.61
CA SER A 151 -5.14 -7.14 -11.49
C SER A 151 -4.89 -5.90 -10.65
N SER A 152 -5.35 -4.75 -11.14
CA SER A 152 -5.34 -3.54 -10.34
C SER A 152 -6.07 -3.81 -9.02
N LEU A 153 -5.50 -3.31 -7.92
CA LEU A 153 -6.17 -3.41 -6.63
C LEU A 153 -7.45 -2.56 -6.61
N SER A 154 -7.62 -1.71 -7.61
CA SER A 154 -8.85 -0.92 -7.73
C SER A 154 -9.89 -1.51 -8.72
N SER A 155 -9.58 -2.68 -9.27
CA SER A 155 -10.44 -3.28 -10.27
C SER A 155 -11.87 -3.48 -9.72
N ARG A 156 -12.84 -3.23 -10.58
CA ARG A 156 -14.26 -3.32 -10.23
C ARG A 156 -14.94 -4.51 -10.91
N THR A 157 -16.22 -4.73 -10.59
CA THR A 157 -17.00 -5.84 -11.15
C THR A 157 -17.04 -5.73 -12.67
N ARG A 158 -16.75 -6.83 -13.36
CA ARG A 158 -16.59 -6.79 -14.83
C ARG A 158 -16.58 -8.18 -15.45
N ILE A 159 -16.67 -8.22 -16.78
CA ILE A 159 -16.61 -9.46 -17.55
C ILE A 159 -15.15 -9.89 -17.71
N LYS A 160 -14.90 -11.19 -17.59
CA LYS A 160 -13.54 -11.71 -17.72
C LYS A 160 -13.53 -12.92 -18.65
N THR A 161 -12.48 -13.01 -19.45
CA THR A 161 -12.26 -14.17 -20.30
C THR A 161 -11.58 -15.28 -19.51
N LEU A 162 -12.20 -16.45 -19.47
CA LEU A 162 -11.60 -17.59 -18.78
C LEU A 162 -10.32 -18.05 -19.47
N THR A 163 -9.28 -18.31 -18.69
CA THR A 163 -8.05 -18.89 -19.21
C THR A 163 -8.36 -20.30 -19.69
N GLU A 164 -7.57 -20.82 -20.63
CA GLU A 164 -7.86 -22.13 -21.18
C GLU A 164 -7.67 -23.21 -20.11
N ASP A 165 -6.82 -22.92 -19.13
CA ASP A 165 -6.60 -23.84 -18.02
C ASP A 165 -7.90 -24.07 -17.25
N THR A 166 -8.58 -22.99 -16.90
CA THR A 166 -9.86 -23.06 -16.22
C THR A 166 -10.93 -23.77 -17.06
N ARG A 167 -10.92 -23.51 -18.37
CA ARG A 167 -11.92 -24.09 -19.25
C ARG A 167 -11.65 -25.59 -19.47
N ILE A 168 -10.38 -25.96 -19.39
CA ILE A 168 -9.97 -27.36 -19.42
C ILE A 168 -10.44 -28.07 -18.16
N ALA A 169 -10.39 -27.34 -17.03
CA ALA A 169 -10.78 -27.88 -15.73
C ALA A 169 -12.27 -28.19 -15.67
N ASN A 170 -13.10 -27.25 -16.11
CA ASN A 170 -14.56 -27.36 -16.02
C ASN A 170 -15.21 -28.15 -17.14
N SER A 171 -14.41 -28.69 -18.05
CA SER A 171 -14.94 -29.47 -19.16
C SER A 171 -15.62 -30.75 -18.68
N ARG A 172 -15.28 -31.20 -17.47
CA ARG A 172 -15.86 -32.43 -16.93
C ARG A 172 -17.34 -32.26 -16.61
N PHE A 173 -17.72 -31.05 -16.20
CA PHE A 173 -19.09 -30.76 -15.82
C PHE A 173 -19.95 -30.47 -17.04
N PHE A 174 -19.31 -30.34 -18.18
CA PHE A 174 -20.01 -30.12 -19.43
C PHE A 174 -19.74 -31.32 -20.34
N ASP A 175 -19.46 -32.44 -19.68
CA ASP A 175 -19.28 -33.72 -20.34
C ASP A 175 -18.14 -33.73 -21.36
N GLY A 176 -16.95 -33.41 -20.87
CA GLY A 176 -15.73 -33.47 -21.68
C GLY A 176 -15.71 -32.60 -22.92
N ASP A 177 -16.68 -31.70 -23.04
CA ASP A 177 -16.80 -30.87 -24.23
C ASP A 177 -16.51 -29.41 -23.92
N ILE A 178 -15.25 -28.99 -24.15
CA ILE A 178 -14.82 -27.62 -23.92
C ILE A 178 -15.65 -26.62 -24.71
N ASN A 179 -16.08 -27.04 -25.90
CA ASN A 179 -16.94 -26.22 -26.75
C ASN A 179 -18.31 -26.01 -26.12
N GLN A 180 -18.57 -26.74 -25.03
CA GLN A 180 -19.73 -26.48 -24.20
C GLN A 180 -19.39 -25.50 -23.08
N VAL A 181 -18.14 -25.53 -22.62
CA VAL A 181 -17.71 -24.70 -21.48
C VAL A 181 -17.76 -23.21 -21.81
N PRO A 182 -18.34 -22.42 -20.89
CA PRO A 182 -18.51 -20.99 -21.10
C PRO A 182 -17.21 -20.27 -21.34
N LYS A 183 -17.24 -19.27 -22.22
CA LYS A 183 -16.06 -18.52 -22.60
C LYS A 183 -15.80 -17.42 -21.60
N TYR A 184 -16.87 -16.88 -21.01
CA TYR A 184 -16.75 -15.73 -20.11
C TYR A 184 -17.46 -15.93 -18.78
N ALA A 185 -17.02 -15.16 -17.78
CA ALA A 185 -17.73 -15.03 -16.53
C ALA A 185 -17.82 -13.56 -16.13
N LEU A 186 -18.83 -13.23 -15.33
CA LEU A 186 -18.88 -11.94 -14.65
C LEU A 186 -18.30 -12.10 -13.26
N THR A 187 -17.43 -11.21 -12.83
CA THR A 187 -16.77 -11.37 -11.53
C THR A 187 -16.64 -10.04 -10.79
N ILE A 188 -16.81 -10.07 -9.47
CA ILE A 188 -16.50 -8.88 -8.67
C ILE A 188 -15.01 -8.56 -8.81
N GLY A 189 -14.67 -7.28 -8.70
CA GLY A 189 -13.28 -6.83 -8.79
C GLY A 189 -12.52 -6.89 -7.48
N VAL A 190 -11.21 -6.63 -7.53
CA VAL A 190 -10.41 -6.64 -6.31
C VAL A 190 -10.76 -5.44 -5.43
N GLY A 191 -10.98 -4.28 -6.03
CA GLY A 191 -11.49 -3.13 -5.31
C GLY A 191 -12.81 -3.44 -4.63
N THR A 192 -13.65 -4.23 -5.29
CA THR A 192 -14.92 -4.68 -4.72
C THR A 192 -14.69 -5.51 -3.48
N LEU A 193 -13.78 -6.46 -3.58
CA LEU A 193 -13.44 -7.32 -2.47
C LEU A 193 -12.89 -6.53 -1.27
N LEU A 194 -11.94 -5.64 -1.57
CA LEU A 194 -11.23 -4.87 -0.56
C LEU A 194 -12.13 -3.85 0.15
N ASP A 195 -13.28 -3.52 -0.44
CA ASP A 195 -14.21 -2.59 0.19
C ASP A 195 -14.99 -3.22 1.35
N ALA A 196 -14.93 -4.54 1.48
CA ALA A 196 -15.67 -5.21 2.55
C ALA A 196 -15.10 -4.78 3.91
N GLN A 197 -15.90 -4.82 4.97
CA GLN A 197 -15.40 -4.50 6.30
C GLN A 197 -14.45 -5.58 6.80
N GLU A 198 -14.75 -6.82 6.50
CA GLU A 198 -13.85 -7.88 6.88
C GLU A 198 -13.76 -8.88 5.75
N ILE A 199 -12.58 -9.47 5.57
CA ILE A 199 -12.40 -10.47 4.53
C ILE A 199 -11.82 -11.71 5.16
N MET A 200 -12.48 -12.83 4.93
CA MET A 200 -11.99 -14.11 5.43
C MET A 200 -11.74 -15.04 4.25
N ILE A 201 -10.49 -15.46 4.09
CA ILE A 201 -10.11 -16.33 2.98
C ILE A 201 -9.80 -17.73 3.49
N LEU A 202 -10.46 -18.73 2.93
N LEU A 202 -10.44 -18.73 2.89
CA LEU A 202 -10.14 -20.12 3.25
CA LEU A 202 -10.21 -20.12 3.21
C LEU A 202 -9.06 -20.62 2.33
C LEU A 202 -9.12 -20.71 2.31
N VAL A 203 -8.13 -21.39 2.88
CA VAL A 203 -7.06 -21.98 2.07
C VAL A 203 -6.79 -23.43 2.49
N THR A 204 -7.18 -24.38 1.65
CA THR A 204 -6.95 -25.81 1.94
C THR A 204 -6.17 -26.51 0.82
N GLY A 205 -5.37 -27.51 1.18
CA GLY A 205 -4.73 -28.37 0.21
C GLY A 205 -3.28 -28.02 -0.11
N HIS A 206 -2.48 -29.05 -0.37
N HIS A 206 -2.48 -29.06 -0.36
CA HIS A 206 -1.08 -28.90 -0.72
CA HIS A 206 -1.06 -28.90 -0.72
C HIS A 206 -0.85 -27.98 -1.93
C HIS A 206 -0.87 -27.96 -1.91
N ASN A 207 -1.84 -27.93 -2.82
CA ASN A 207 -1.72 -27.10 -4.03
C ASN A 207 -1.82 -25.57 -3.81
N LYS A 208 -2.30 -25.16 -2.64
CA LYS A 208 -2.37 -23.74 -2.30
C LYS A 208 -1.18 -23.28 -1.42
N ALA A 209 -0.18 -24.14 -1.29
CA ALA A 209 0.94 -23.88 -0.38
C ALA A 209 1.72 -22.63 -0.78
N LEU A 210 1.96 -22.46 -2.07
CA LEU A 210 2.71 -21.30 -2.54
C LEU A 210 1.92 -19.99 -2.40
N ALA A 211 0.63 -20.02 -2.72
CA ALA A 211 -0.22 -18.85 -2.52
C ALA A 211 -0.26 -18.40 -1.06
N LEU A 212 -0.27 -19.37 -0.15
CA LEU A 212 -0.37 -19.07 1.27
C LEU A 212 0.94 -18.45 1.77
N GLN A 213 2.06 -19.01 1.28
CA GLN A 213 3.37 -18.43 1.57
C GLN A 213 3.47 -16.99 1.09
N ALA A 214 3.08 -16.76 -0.17
CA ALA A 214 3.10 -15.41 -0.75
C ALA A 214 2.22 -14.47 0.05
N ALA A 215 1.13 -15.03 0.56
CA ALA A 215 0.12 -14.27 1.29
C ALA A 215 0.59 -13.93 2.71
N VAL A 216 1.27 -14.87 3.35
CA VAL A 216 1.62 -14.68 4.77
C VAL A 216 3.05 -14.23 4.99
N GLU A 217 3.99 -14.84 4.28
CA GLU A 217 5.40 -14.50 4.49
C GLU A 217 5.90 -13.53 3.41
N GLY A 218 5.31 -13.58 2.23
CA GLY A 218 5.67 -12.67 1.16
C GLY A 218 5.28 -11.22 1.40
N SER A 219 5.81 -10.32 0.57
CA SER A 219 5.50 -8.91 0.63
C SER A 219 4.37 -8.52 -0.32
N VAL A 220 3.80 -7.33 -0.13
CA VAL A 220 2.71 -6.85 -0.98
C VAL A 220 3.13 -6.81 -2.46
N ASN A 221 2.40 -7.56 -3.29
CA ASN A 221 2.84 -7.88 -4.64
C ASN A 221 1.68 -8.13 -5.61
N HIS A 222 1.57 -7.33 -6.67
CA HIS A 222 0.40 -7.44 -7.54
C HIS A 222 0.31 -8.77 -8.31
N LEU A 223 1.40 -9.52 -8.41
CA LEU A 223 1.37 -10.83 -9.08
C LEU A 223 0.64 -11.90 -8.23
N TRP A 224 0.68 -11.71 -6.90
CA TRP A 224 -0.09 -12.52 -5.97
C TRP A 224 -1.18 -11.67 -5.32
N THR A 225 -2.35 -11.60 -5.94
CA THR A 225 -3.36 -10.64 -5.51
C THR A 225 -3.69 -10.75 -4.03
N VAL A 226 -3.78 -11.99 -3.54
CA VAL A 226 -4.11 -12.23 -2.13
C VAL A 226 -3.18 -11.46 -1.15
N SER A 227 -1.94 -11.14 -1.56
CA SER A 227 -0.98 -10.42 -0.68
C SER A 227 -1.41 -8.97 -0.36
N ALA A 228 -2.29 -8.41 -1.18
CA ALA A 228 -2.84 -7.09 -0.91
C ALA A 228 -3.69 -7.08 0.38
N LEU A 229 -4.14 -8.25 0.83
CA LEU A 229 -4.89 -8.33 2.09
C LEU A 229 -4.05 -7.84 3.29
N GLN A 230 -2.72 -7.86 3.16
CA GLN A 230 -1.84 -7.26 4.16
C GLN A 230 -2.17 -5.77 4.39
N LEU A 231 -2.80 -5.15 3.39
CA LEU A 231 -3.16 -3.74 3.47
C LEU A 231 -4.60 -3.52 3.93
N HIS A 232 -5.42 -4.57 3.96
CA HIS A 232 -6.83 -4.46 4.37
C HIS A 232 -6.94 -4.34 5.89
N PRO A 233 -7.88 -3.50 6.37
CA PRO A 233 -8.06 -3.26 7.81
C PRO A 233 -8.34 -4.51 8.65
N LYS A 234 -9.05 -5.48 8.09
CA LYS A 234 -9.48 -6.63 8.87
C LYS A 234 -9.60 -7.85 7.96
N ALA A 235 -8.48 -8.55 7.80
CA ALA A 235 -8.42 -9.76 6.96
C ALA A 235 -7.98 -10.95 7.80
N VAL A 236 -8.53 -12.12 7.50
CA VAL A 236 -8.21 -13.36 8.20
C VAL A 236 -8.03 -14.48 7.18
N ILE A 237 -6.99 -15.28 7.32
CA ILE A 237 -6.88 -16.49 6.52
C ILE A 237 -7.03 -17.72 7.41
N VAL A 238 -7.98 -18.59 7.03
CA VAL A 238 -8.21 -19.84 7.76
C VAL A 238 -7.67 -20.98 6.91
N CYS A 239 -6.77 -21.79 7.47
CA CYS A 239 -6.03 -22.72 6.64
C CYS A 239 -5.81 -24.08 7.29
N ASP A 240 -5.52 -25.08 6.46
CA ASP A 240 -5.25 -26.41 6.99
C ASP A 240 -3.75 -26.72 6.90
N GLU A 241 -3.32 -27.81 7.53
CA GLU A 241 -1.91 -28.20 7.55
C GLU A 241 -1.32 -28.44 6.16
N PRO A 242 -2.01 -29.20 5.27
CA PRO A 242 -1.44 -29.35 3.91
C PRO A 242 -1.09 -28.02 3.24
N SER A 243 -1.88 -26.98 3.49
CA SER A 243 -1.68 -25.70 2.82
C SER A 243 -0.46 -24.91 3.34
N THR A 244 0.04 -25.30 4.52
CA THR A 244 1.19 -24.64 5.16
C THR A 244 2.58 -25.15 4.77
N GLN A 245 2.67 -26.05 3.79
CA GLN A 245 3.91 -26.76 3.53
C GLN A 245 5.08 -25.87 3.14
N GLU A 246 4.78 -24.73 2.52
CA GLU A 246 5.84 -23.81 2.11
C GLU A 246 6.23 -22.78 3.18
N LEU A 247 5.48 -22.71 4.28
CA LEU A 247 5.82 -21.79 5.36
C LEU A 247 6.97 -22.29 6.23
N LYS A 248 7.63 -21.35 6.90
CA LYS A 248 8.63 -21.70 7.92
C LYS A 248 7.96 -22.32 9.12
N VAL A 249 8.66 -23.24 9.79
CA VAL A 249 8.16 -23.82 11.05
C VAL A 249 7.74 -22.72 12.03
N LYS A 250 8.52 -21.64 12.09
CA LYS A 250 8.27 -20.63 13.11
C LYS A 250 7.06 -19.76 12.74
N THR A 251 6.74 -19.69 11.46
CA THR A 251 5.58 -18.92 11.05
C THR A 251 4.29 -19.61 11.52
N VAL A 252 4.21 -20.93 11.35
CA VAL A 252 3.09 -21.72 11.87
C VAL A 252 3.05 -21.67 13.39
N LYS A 253 4.21 -21.84 14.02
CA LYS A 253 4.28 -21.78 15.48
C LYS A 253 3.76 -20.44 16.03
N TYR A 254 4.14 -19.34 15.37
CA TYR A 254 3.71 -18.02 15.81
C TYR A 254 2.19 -17.84 15.79
N PHE A 255 1.56 -18.11 14.66
CA PHE A 255 0.12 -17.92 14.55
C PHE A 255 -0.70 -18.97 15.33
N THR A 256 -0.18 -20.19 15.44
CA THR A 256 -0.84 -21.21 16.23
C THR A 256 -0.92 -20.78 17.71
N GLU A 257 0.13 -20.15 18.22
CA GLU A 257 0.18 -19.71 19.61
C GLU A 257 -0.61 -18.42 19.78
N LEU A 258 -0.43 -17.51 18.82
CA LEU A 258 -1.11 -16.21 18.81
C LEU A 258 -2.62 -16.37 18.87
N GLU A 259 -3.12 -17.40 18.21
CA GLU A 259 -4.56 -17.56 18.04
C GLU A 259 -5.08 -18.72 18.85
N ALA A 260 -4.25 -19.23 19.76
CA ALA A 260 -4.56 -20.42 20.55
C ALA A 260 -5.94 -20.38 21.21
N LYS A 261 -6.32 -19.20 21.71
CA LYS A 261 -7.60 -19.08 22.39
C LYS A 261 -8.76 -19.21 21.41
N ASN A 262 -8.58 -18.74 20.18
CA ASN A 262 -9.63 -18.77 19.18
C ASN A 262 -9.64 -20.08 18.39
N ILE A 263 -8.68 -20.94 18.71
CA ILE A 263 -8.49 -22.22 18.02
C ILE A 263 -9.07 -23.36 18.84
N VAL A 264 -9.04 -23.25 20.17
CA VAL A 264 -9.56 -24.29 21.05
C VAL A 264 -10.97 -24.72 20.65
N GLY A 265 -11.22 -26.03 20.66
CA GLY A 265 -12.48 -26.56 20.23
C GLY A 265 -12.56 -26.69 18.72
N PHE A 266 -11.40 -26.66 18.06
CA PHE A 266 -11.31 -26.86 16.61
C PHE A 266 -10.08 -27.67 16.22
N MET B 1 -0.94 -4.38 -12.24
CA MET B 1 -0.29 -3.51 -13.22
C MET B 1 -0.13 -4.19 -14.58
N ARG B 2 -0.41 -3.47 -15.66
CA ARG B 2 -0.31 -4.02 -17.01
C ARG B 2 1.11 -4.01 -17.58
N LEU B 3 1.49 -5.12 -18.22
CA LEU B 3 2.72 -5.14 -18.99
C LEU B 3 2.44 -5.44 -20.47
N ILE B 4 3.00 -4.59 -21.34
CA ILE B 4 2.92 -4.75 -22.77
C ILE B 4 4.27 -5.14 -23.34
N PRO B 5 4.51 -6.44 -23.54
CA PRO B 5 5.84 -6.80 -24.02
C PRO B 5 5.95 -6.75 -25.54
N LEU B 6 6.74 -5.82 -26.06
CA LEU B 6 6.99 -5.71 -27.50
C LEU B 6 8.45 -6.03 -27.79
N LYS B 7 8.81 -6.16 -29.05
CA LYS B 7 10.17 -6.62 -29.34
C LYS B 7 11.14 -5.45 -29.48
N ALA B 8 10.72 -4.38 -30.15
CA ALA B 8 11.60 -3.25 -30.40
C ALA B 8 11.06 -1.93 -29.86
N ALA B 9 11.96 -0.97 -29.64
CA ALA B 9 11.60 0.36 -29.15
C ALA B 9 10.67 1.12 -30.09
N ALA B 10 10.81 0.89 -31.38
CA ALA B 10 9.95 1.51 -32.38
C ALA B 10 8.50 1.09 -32.17
N GLN B 11 8.29 -0.19 -31.87
N GLN B 11 8.29 -0.19 -31.87
CA GLN B 11 6.95 -0.72 -31.59
CA GLN B 11 6.95 -0.69 -31.60
C GLN B 11 6.40 -0.14 -30.30
C GLN B 11 6.40 -0.14 -30.29
N VAL B 12 7.27 0.01 -29.30
CA VAL B 12 6.89 0.61 -28.04
C VAL B 12 6.32 2.01 -28.27
N GLY B 13 7.06 2.80 -29.05
CA GLY B 13 6.65 4.16 -29.38
C GLY B 13 5.33 4.21 -30.11
N LYS B 14 5.12 3.30 -31.08
CA LYS B 14 3.85 3.21 -31.79
C LYS B 14 2.69 2.84 -30.86
N TRP B 15 2.90 1.81 -30.03
CA TRP B 15 1.87 1.37 -29.10
C TRP B 15 1.53 2.49 -28.12
N ALA B 16 2.55 3.11 -27.55
CA ALA B 16 2.34 4.25 -26.68
C ALA B 16 1.57 5.35 -27.39
N ALA B 17 1.95 5.66 -28.62
CA ALA B 17 1.26 6.71 -29.36
C ALA B 17 -0.18 6.27 -29.67
N ALA B 18 -0.36 5.01 -30.05
CA ALA B 18 -1.71 4.54 -30.33
C ALA B 18 -2.55 4.65 -29.06
N HIS B 19 -1.97 4.29 -27.91
CA HIS B 19 -2.70 4.35 -26.66
C HIS B 19 -3.10 5.78 -26.30
N ILE B 20 -2.23 6.74 -26.55
CA ILE B 20 -2.57 8.14 -26.25
C ILE B 20 -3.71 8.65 -27.13
N VAL B 21 -3.65 8.35 -28.42
CA VAL B 21 -4.74 8.72 -29.33
C VAL B 21 -6.06 8.05 -28.91
N LYS B 22 -6.03 6.76 -28.57
CA LYS B 22 -7.23 6.05 -28.15
C LYS B 22 -7.92 6.77 -27.01
N ARG B 23 -7.14 7.18 -26.01
CA ARG B 23 -7.66 7.88 -24.83
C ARG B 23 -8.17 9.30 -25.15
N ILE B 24 -7.49 10.02 -26.04
CA ILE B 24 -7.91 11.36 -26.40
C ILE B 24 -9.29 11.29 -27.07
N ASN B 25 -9.42 10.38 -28.03
CA ASN B 25 -10.63 10.32 -28.85
C ASN B 25 -11.84 9.74 -28.11
N GLU B 26 -11.59 8.90 -27.11
CA GLU B 26 -12.66 8.40 -26.26
C GLU B 26 -13.12 9.48 -25.27
N PHE B 27 -12.18 10.32 -24.84
CA PHE B 27 -12.45 11.44 -23.94
C PHE B 27 -13.29 12.55 -24.60
N GLN B 28 -13.07 12.76 -25.90
N GLN B 28 -13.05 12.76 -25.89
CA GLN B 28 -13.70 13.85 -26.63
CA GLN B 28 -13.70 13.84 -26.63
C GLN B 28 -13.49 15.20 -25.97
C GLN B 28 -13.49 15.19 -25.98
N PRO B 29 -12.26 15.71 -26.03
CA PRO B 29 -11.95 16.97 -25.35
C PRO B 29 -12.64 18.15 -26.02
N THR B 30 -13.04 19.12 -25.21
CA THR B 30 -13.55 20.37 -25.73
C THR B 30 -12.78 21.50 -25.06
N ALA B 31 -13.17 22.73 -25.35
CA ALA B 31 -12.55 23.89 -24.73
C ALA B 31 -12.86 23.92 -23.25
N GLU B 32 -14.08 23.52 -22.90
CA GLU B 32 -14.52 23.47 -21.50
C GLU B 32 -13.94 22.28 -20.77
N ARG B 33 -13.76 21.19 -21.49
CA ARG B 33 -13.33 19.94 -20.91
C ARG B 33 -12.13 19.43 -21.69
N PRO B 34 -10.94 19.98 -21.41
CA PRO B 34 -9.73 19.57 -22.13
C PRO B 34 -9.19 18.22 -21.66
N PHE B 35 -8.59 17.45 -22.56
CA PHE B 35 -7.84 16.27 -22.16
C PHE B 35 -6.48 16.74 -21.62
N VAL B 36 -6.08 16.19 -20.47
CA VAL B 36 -4.89 16.65 -19.76
C VAL B 36 -3.83 15.55 -19.73
N LEU B 37 -2.70 15.83 -20.37
CA LEU B 37 -1.70 14.83 -20.63
C LEU B 37 -0.37 15.15 -19.93
N GLY B 38 0.14 14.23 -19.12
CA GLY B 38 1.46 14.42 -18.53
C GLY B 38 2.53 13.87 -19.46
N LEU B 39 3.63 14.60 -19.62
CA LEU B 39 4.66 14.23 -20.61
C LEU B 39 6.08 14.27 -20.06
N PRO B 40 6.93 13.34 -20.56
CA PRO B 40 8.36 13.23 -20.25
C PRO B 40 9.27 13.71 -21.38
N THR B 41 10.57 13.54 -21.15
CA THR B 41 11.58 13.92 -22.13
C THR B 41 12.55 12.77 -22.29
N GLY B 42 13.49 12.92 -23.21
CA GLY B 42 14.55 11.94 -23.35
C GLY B 42 14.38 11.04 -24.57
N GLY B 43 15.35 10.15 -24.76
CA GLY B 43 15.42 9.32 -25.95
C GLY B 43 14.27 8.34 -26.03
N THR B 44 13.81 7.87 -24.88
CA THR B 44 12.76 6.86 -24.84
C THR B 44 11.45 7.38 -25.43
N PRO B 45 10.85 8.46 -24.87
CA PRO B 45 9.56 8.89 -25.42
C PRO B 45 9.63 9.48 -26.84
N LEU B 46 10.82 9.52 -27.43
CA LEU B 46 10.96 10.24 -28.69
C LEU B 46 10.25 9.50 -29.83
N ALA B 47 10.35 8.17 -29.83
CA ALA B 47 9.65 7.34 -30.81
C ALA B 47 8.15 7.56 -30.69
N THR B 48 7.66 7.72 -29.48
CA THR B 48 6.25 8.01 -29.26
C THR B 48 5.88 9.36 -29.87
N TYR B 49 6.72 10.37 -29.62
CA TYR B 49 6.43 11.71 -30.12
C TYR B 49 6.35 11.70 -31.67
N LYS B 50 7.23 10.97 -32.34
CA LYS B 50 7.21 10.96 -33.81
C LYS B 50 6.06 10.13 -34.37
N ALA B 51 5.63 9.10 -33.66
CA ALA B 51 4.45 8.35 -34.07
C ALA B 51 3.21 9.25 -33.95
N LEU B 52 3.12 9.98 -32.85
CA LEU B 52 2.01 10.89 -32.58
C LEU B 52 1.88 11.93 -33.66
N ILE B 53 3.02 12.49 -34.07
CA ILE B 53 3.06 13.58 -35.02
C ILE B 53 2.51 13.11 -36.35
N GLU B 54 2.94 11.92 -36.79
CA GLU B 54 2.47 11.37 -38.04
C GLU B 54 1.00 10.98 -38.00
N MET B 55 0.57 10.41 -36.87
CA MET B 55 -0.84 10.16 -36.62
C MET B 55 -1.66 11.43 -36.77
N HIS B 56 -1.14 12.53 -36.18
CA HIS B 56 -1.78 13.83 -36.33
C HIS B 56 -1.74 14.32 -37.78
N LYS B 57 -0.60 14.10 -38.44
CA LYS B 57 -0.43 14.46 -39.85
C LYS B 57 -1.46 13.74 -40.70
N ALA B 58 -1.74 12.50 -40.33
CA ALA B 58 -2.70 11.65 -41.02
C ALA B 58 -4.15 11.97 -40.63
N GLY B 59 -4.34 12.98 -39.80
CA GLY B 59 -5.68 13.38 -39.38
C GLY B 59 -6.36 12.47 -38.38
N GLU B 60 -5.58 11.69 -37.63
CA GLU B 60 -6.14 10.72 -36.67
C GLU B 60 -6.30 11.26 -35.24
N VAL B 61 -5.85 12.49 -34.98
CA VAL B 61 -6.05 13.11 -33.67
C VAL B 61 -5.70 14.59 -33.71
N SER B 62 -6.43 15.39 -32.93
CA SER B 62 -6.10 16.80 -32.75
C SER B 62 -5.70 17.07 -31.30
N PHE B 63 -4.77 18.00 -31.12
CA PHE B 63 -4.31 18.42 -29.81
C PHE B 63 -4.81 19.81 -29.47
N LYS B 64 -5.76 20.29 -30.25
CA LYS B 64 -6.32 21.62 -30.05
C LYS B 64 -6.83 21.81 -28.61
N HIS B 65 -7.43 20.78 -28.05
CA HIS B 65 -7.95 20.85 -26.69
C HIS B 65 -7.32 19.80 -25.80
N VAL B 66 -6.04 19.55 -26.03
CA VAL B 66 -5.21 18.74 -25.16
C VAL B 66 -4.33 19.71 -24.37
N VAL B 67 -4.36 19.59 -23.04
CA VAL B 67 -3.49 20.38 -22.18
C VAL B 67 -2.38 19.47 -21.68
N THR B 68 -1.15 19.98 -21.66
CA THR B 68 -0.01 19.16 -21.25
C THR B 68 0.73 19.68 -20.02
N PHE B 69 1.32 18.76 -19.27
CA PHE B 69 2.21 19.06 -18.16
C PHE B 69 3.48 18.22 -18.32
N ASN B 70 4.64 18.85 -18.31
CA ASN B 70 5.90 18.13 -18.28
C ASN B 70 6.40 17.89 -16.87
N MET B 71 7.30 16.93 -16.71
CA MET B 71 7.71 16.45 -15.40
C MET B 71 8.79 17.32 -14.81
N ASP B 72 9.62 17.92 -15.67
CA ASP B 72 10.92 18.48 -15.27
C ASP B 72 11.28 19.79 -15.96
N GLU B 73 12.17 20.55 -15.35
CA GLU B 73 12.89 21.64 -16.01
C GLU B 73 14.17 21.98 -15.24
N TYR B 74 15.23 22.35 -15.96
CA TYR B 74 16.44 22.83 -15.31
C TYR B 74 16.22 24.15 -14.58
N VAL B 75 16.78 24.24 -13.39
CA VAL B 75 16.89 25.54 -12.71
C VAL B 75 18.06 26.37 -13.25
N GLY B 76 17.78 27.63 -13.58
CA GLY B 76 18.85 28.54 -13.99
C GLY B 76 19.12 28.69 -15.49
N LEU B 77 18.65 27.76 -16.29
CA LEU B 77 18.90 27.77 -17.73
C LEU B 77 17.84 28.60 -18.47
N ALA B 78 18.27 29.46 -19.40
CA ALA B 78 17.32 30.20 -20.25
C ALA B 78 16.27 29.23 -20.84
N ALA B 79 15.01 29.64 -20.82
CA ALA B 79 13.94 28.79 -21.32
C ALA B 79 14.17 28.36 -22.76
N ASP B 80 14.68 29.28 -23.58
CA ASP B 80 14.85 29.04 -25.01
C ASP B 80 16.23 28.45 -25.34
N HIS B 81 17.00 28.11 -24.31
CA HIS B 81 18.27 27.44 -24.55
C HIS B 81 17.97 26.07 -25.16
N PRO B 82 18.76 25.66 -26.16
CA PRO B 82 18.46 24.40 -26.86
C PRO B 82 18.47 23.19 -25.94
N GLU B 83 19.07 23.31 -24.76
CA GLU B 83 19.17 22.17 -23.85
C GLU B 83 18.14 22.24 -22.71
N SER B 84 17.19 23.15 -22.80
CA SER B 84 16.14 23.19 -21.80
C SER B 84 15.12 22.11 -22.12
N TYR B 85 14.37 21.70 -21.11
CA TYR B 85 13.31 20.70 -21.30
C TYR B 85 12.22 21.26 -22.18
N ARG B 86 11.95 22.55 -22.02
CA ARG B 86 11.00 23.27 -22.87
C ARG B 86 11.39 23.12 -24.33
N SER B 87 12.67 23.37 -24.63
CA SER B 87 13.18 23.25 -26.00
C SER B 87 13.04 21.83 -26.53
N PHE B 88 13.28 20.85 -25.66
CA PHE B 88 13.18 19.47 -26.07
C PHE B 88 11.76 19.24 -26.56
N MET B 89 10.80 19.70 -25.78
CA MET B 89 9.40 19.46 -26.07
C MET B 89 8.90 20.21 -27.31
N TYR B 90 9.25 21.48 -27.44
CA TYR B 90 8.82 22.23 -28.62
C TYR B 90 9.47 21.69 -29.88
N ASN B 91 10.78 21.41 -29.82
CA ASN B 91 11.50 20.99 -31.04
C ASN B 91 11.22 19.55 -31.45
N ASN B 92 10.82 18.72 -30.49
CA ASN B 92 10.51 17.33 -30.79
C ASN B 92 9.01 17.08 -30.88
N PHE B 93 8.19 18.02 -30.45
CA PHE B 93 6.76 17.75 -30.39
C PHE B 93 5.84 18.94 -30.66
N PHE B 94 5.72 19.87 -29.71
CA PHE B 94 4.73 20.95 -29.83
C PHE B 94 4.75 21.67 -31.18
N ASN B 95 5.94 22.04 -31.66
CA ASN B 95 6.06 22.74 -32.96
C ASN B 95 5.46 21.97 -34.17
N HIS B 96 5.20 20.67 -34.00
CA HIS B 96 4.75 19.81 -35.11
C HIS B 96 3.27 19.53 -35.08
N ILE B 97 2.55 20.17 -34.18
CA ILE B 97 1.16 19.80 -33.95
C ILE B 97 0.26 21.02 -33.80
N ASP B 98 -1.06 20.82 -33.76
CA ASP B 98 -1.98 21.95 -33.60
C ASP B 98 -2.33 22.21 -32.13
N ILE B 99 -1.34 22.11 -31.25
CA ILE B 99 -1.55 22.38 -29.83
C ILE B 99 -1.56 23.90 -29.60
N GLN B 100 -2.21 24.34 -28.54
CA GLN B 100 -2.34 25.78 -28.26
C GLN B 100 -1.43 26.23 -27.13
N GLU B 101 -0.79 27.38 -27.33
CA GLU B 101 0.20 27.90 -26.41
C GLU B 101 -0.33 27.99 -24.97
N GLU B 102 -1.60 28.39 -24.85
CA GLU B 102 -2.27 28.51 -23.57
C GLU B 102 -2.46 27.15 -22.86
N ASN B 103 -2.47 26.07 -23.63
CA ASN B 103 -2.65 24.75 -23.06
C ASN B 103 -1.35 24.02 -22.76
N ILE B 104 -0.21 24.65 -23.03
CA ILE B 104 1.09 24.04 -22.72
C ILE B 104 1.56 24.50 -21.32
N ASN B 105 1.96 23.57 -20.45
CA ASN B 105 2.48 23.94 -19.12
C ASN B 105 3.81 23.27 -18.81
N LEU B 106 4.78 24.09 -18.44
CA LEU B 106 6.10 23.63 -18.04
C LEU B 106 6.51 24.39 -16.81
N LEU B 107 7.33 23.75 -15.97
CA LEU B 107 7.87 24.42 -14.80
C LEU B 107 8.84 25.53 -15.22
N ASN B 108 8.71 26.68 -14.59
CA ASN B 108 9.61 27.82 -14.79
C ASN B 108 10.85 27.73 -13.90
N GLY B 109 12.00 27.36 -14.46
CA GLY B 109 13.22 27.18 -13.67
C GLY B 109 13.94 28.45 -13.18
N ASN B 110 13.37 29.61 -13.50
CA ASN B 110 14.06 30.88 -13.28
C ASN B 110 13.25 31.91 -12.52
N THR B 111 12.41 31.48 -11.59
CA THR B 111 11.67 32.41 -10.73
C THR B 111 12.48 32.72 -9.48
N ASP B 112 11.95 33.59 -8.63
CA ASP B 112 12.68 34.01 -7.43
C ASP B 112 12.18 33.27 -6.19
N ASP B 113 11.32 32.29 -6.40
CA ASP B 113 10.81 31.41 -5.33
C ASP B 113 10.42 30.08 -5.97
N HIS B 114 11.30 29.09 -5.84
CA HIS B 114 11.10 27.78 -6.44
C HIS B 114 9.90 27.11 -5.83
N GLU B 115 9.81 27.15 -4.49
N GLU B 115 9.81 27.15 -4.49
CA GLU B 115 8.66 26.62 -3.75
CA GLU B 115 8.67 26.61 -3.76
C GLU B 115 7.35 27.13 -4.29
C GLU B 115 7.34 27.13 -4.32
N ALA B 116 7.25 28.45 -4.48
CA ALA B 116 6.05 29.05 -5.03
C ALA B 116 5.82 28.64 -6.49
N GLU B 117 6.90 28.50 -7.26
CA GLU B 117 6.72 28.09 -8.65
C GLU B 117 6.20 26.65 -8.70
N CYS B 118 6.71 25.81 -7.81
CA CYS B 118 6.28 24.42 -7.71
C CYS B 118 4.84 24.30 -7.22
N LYS B 119 4.46 25.20 -6.33
CA LYS B 119 3.09 25.23 -5.84
C LYS B 119 2.13 25.69 -6.94
N ARG B 120 2.55 26.73 -7.67
CA ARG B 120 1.75 27.28 -8.77
C ARG B 120 1.40 26.17 -9.76
N TYR B 121 2.39 25.31 -10.04
CA TYR B 121 2.25 24.21 -10.97
C TYR B 121 1.27 23.17 -10.46
N GLU B 122 1.39 22.82 -9.18
CA GLU B 122 0.49 21.85 -8.56
C GLU B 122 -0.93 22.40 -8.58
N ASP B 123 -1.07 23.70 -8.29
CA ASP B 123 -2.36 24.35 -8.31
C ASP B 123 -2.99 24.32 -9.70
N LYS B 124 -2.15 24.52 -10.72
CA LYS B 124 -2.60 24.55 -12.12
C LYS B 124 -3.17 23.20 -12.52
N ILE B 125 -2.43 22.14 -12.20
CA ILE B 125 -2.87 20.77 -12.39
C ILE B 125 -4.24 20.57 -11.73
N LYS B 126 -4.31 20.95 -10.46
CA LYS B 126 -5.52 20.76 -9.67
C LYS B 126 -6.67 21.58 -10.24
N SER B 127 -6.35 22.68 -10.90
CA SER B 127 -7.37 23.51 -11.53
C SER B 127 -8.12 22.78 -12.65
N TYR B 128 -7.53 21.71 -13.20
CA TYR B 128 -8.20 20.89 -14.21
C TYR B 128 -8.84 19.66 -13.60
N GLY B 129 -8.70 19.51 -12.28
CA GLY B 129 -9.16 18.32 -11.61
C GLY B 129 -8.06 17.28 -11.59
N LYS B 130 -7.94 16.53 -12.68
CA LYS B 130 -6.99 15.45 -12.69
C LYS B 130 -6.30 15.28 -14.05
N ILE B 131 -5.03 14.92 -14.01
CA ILE B 131 -4.33 14.52 -15.21
C ILE B 131 -4.93 13.20 -15.69
N ASN B 132 -5.32 13.17 -16.95
CA ASN B 132 -6.04 12.02 -17.46
C ASN B 132 -5.11 10.85 -17.78
N LEU B 133 -3.98 11.16 -18.42
CA LEU B 133 -2.98 10.16 -18.73
C LEU B 133 -1.59 10.77 -18.52
N PHE B 134 -0.74 10.09 -17.76
CA PHE B 134 0.61 10.55 -17.53
C PHE B 134 1.61 9.56 -18.09
N MET B 135 2.41 10.01 -19.06
CA MET B 135 3.45 9.16 -19.64
C MET B 135 4.79 9.42 -18.94
N GLY B 136 5.61 8.39 -18.84
CA GLY B 136 6.92 8.56 -18.27
C GLY B 136 7.89 7.48 -18.68
N GLY B 137 9.13 7.62 -18.22
CA GLY B 137 10.13 6.58 -18.33
C GLY B 137 10.55 6.23 -16.91
N VAL B 138 11.59 5.40 -16.78
CA VAL B 138 12.02 4.98 -15.46
C VAL B 138 13.55 4.98 -15.40
N GLY B 139 14.11 5.38 -14.26
CA GLY B 139 15.56 5.27 -14.11
C GLY B 139 16.02 3.82 -14.07
N ASN B 140 17.32 3.60 -14.30
CA ASN B 140 17.94 2.27 -14.15
C ASN B 140 17.71 1.75 -12.74
N ASP B 141 17.62 2.68 -11.79
CA ASP B 141 17.33 2.35 -10.40
C ASP B 141 15.85 2.50 -10.05
N GLY B 142 14.98 2.51 -11.06
CA GLY B 142 13.55 2.55 -10.82
C GLY B 142 12.97 3.92 -10.47
N HIS B 143 13.82 4.95 -10.42
CA HIS B 143 13.35 6.28 -10.03
C HIS B 143 12.55 6.92 -11.16
N ILE B 144 11.74 7.90 -10.77
CA ILE B 144 10.88 8.62 -11.68
C ILE B 144 11.16 10.12 -11.60
N ALA B 145 11.28 10.74 -12.77
CA ALA B 145 11.63 12.15 -12.86
C ALA B 145 12.95 12.40 -12.12
N PHE B 146 13.01 13.41 -11.27
CA PHE B 146 14.25 13.59 -10.49
C PHE B 146 14.07 13.17 -9.04
N ASN B 147 12.97 12.49 -8.76
CA ASN B 147 12.74 11.89 -7.45
C ASN B 147 13.78 10.82 -7.14
N GLU B 148 14.45 10.97 -6.01
CA GLU B 148 15.40 9.96 -5.57
C GLU B 148 14.70 8.64 -5.21
N PRO B 149 15.42 7.52 -5.31
CA PRO B 149 14.94 6.33 -4.62
C PRO B 149 14.71 6.63 -3.15
N ALA B 150 13.77 5.93 -2.53
CA ALA B 150 13.32 6.19 -1.17
C ALA B 150 12.53 7.51 -1.06
N SER B 151 12.16 8.09 -2.20
CA SER B 151 11.23 9.22 -2.19
C SER B 151 9.90 8.79 -1.55
N SER B 152 9.34 9.65 -0.72
CA SER B 152 7.98 9.47 -0.23
C SER B 152 7.03 9.33 -1.41
N LEU B 153 6.05 8.45 -1.28
CA LEU B 153 5.03 8.28 -2.31
C LEU B 153 4.05 9.43 -2.34
N SER B 154 4.13 10.29 -1.34
CA SER B 154 3.25 11.46 -1.30
C SER B 154 4.05 12.71 -1.59
N SER B 155 5.24 12.54 -2.15
CA SER B 155 6.08 13.72 -2.40
C SER B 155 5.47 14.53 -3.56
N ARG B 156 5.67 15.84 -3.46
CA ARG B 156 5.11 16.81 -4.38
C ARG B 156 6.20 17.54 -5.19
N THR B 157 5.75 18.40 -6.09
CA THR B 157 6.62 19.14 -7.01
C THR B 157 7.58 20.02 -6.22
N ARG B 158 8.87 19.82 -6.46
CA ARG B 158 9.89 20.47 -5.67
C ARG B 158 11.19 20.51 -6.43
N ILE B 159 12.14 21.30 -5.91
CA ILE B 159 13.50 21.42 -6.45
C ILE B 159 14.32 20.21 -6.04
N LYS B 160 15.15 19.71 -6.95
CA LYS B 160 16.02 18.59 -6.64
C LYS B 160 17.47 18.90 -7.03
N THR B 161 18.39 18.46 -6.19
CA THR B 161 19.81 18.51 -6.50
C THR B 161 20.18 17.35 -7.42
N LEU B 162 20.61 17.67 -8.64
CA LEU B 162 21.08 16.67 -9.58
C LEU B 162 22.22 15.83 -8.99
N THR B 163 22.18 14.52 -9.23
CA THR B 163 23.27 13.65 -8.82
C THR B 163 24.51 13.95 -9.64
N GLU B 164 25.67 13.71 -9.02
CA GLU B 164 26.97 13.77 -9.66
C GLU B 164 26.99 12.94 -10.96
N ASP B 165 26.36 11.76 -10.92
CA ASP B 165 26.32 10.87 -12.08
C ASP B 165 25.53 11.48 -13.23
N THR B 166 24.35 12.03 -12.91
CA THR B 166 23.52 12.68 -13.92
C THR B 166 24.27 13.84 -14.58
N ARG B 167 24.91 14.65 -13.76
CA ARG B 167 25.63 15.83 -14.21
C ARG B 167 26.78 15.50 -15.15
N ILE B 168 27.56 14.47 -14.85
CA ILE B 168 28.65 14.09 -15.74
C ILE B 168 28.08 13.36 -16.96
N ALA B 169 26.89 12.78 -16.80
CA ALA B 169 26.21 12.18 -17.93
C ALA B 169 25.80 13.25 -18.94
N ASN B 170 25.25 14.36 -18.43
CA ASN B 170 24.74 15.42 -19.29
C ASN B 170 25.80 16.42 -19.78
N SER B 171 27.07 16.10 -19.55
CA SER B 171 28.15 16.97 -20.02
C SER B 171 28.27 16.89 -21.54
N PHE B 173 26.16 17.60 -23.69
CA PHE B 173 25.45 18.71 -24.31
C PHE B 173 26.09 20.05 -24.02
N PHE B 174 26.86 20.12 -22.94
CA PHE B 174 27.38 21.39 -22.46
C PHE B 174 28.86 21.56 -22.76
N ASP B 175 29.23 21.35 -24.03
CA ASP B 175 30.61 21.53 -24.47
C ASP B 175 31.58 20.63 -23.71
N GLY B 176 31.09 19.45 -23.32
CA GLY B 176 31.88 18.53 -22.50
C GLY B 176 32.40 19.20 -21.25
N ASP B 177 31.53 19.98 -20.60
CA ASP B 177 31.92 20.79 -19.46
C ASP B 177 30.95 20.56 -18.29
N ILE B 178 31.48 20.22 -17.13
CA ILE B 178 30.64 19.95 -15.96
C ILE B 178 30.20 21.25 -15.26
N ASN B 179 31.01 22.29 -15.39
CA ASN B 179 30.73 23.56 -14.74
C ASN B 179 29.54 24.28 -15.34
N GLN B 180 29.17 23.88 -16.56
CA GLN B 180 28.04 24.47 -17.26
C GLN B 180 26.76 23.69 -17.00
N VAL B 181 26.90 22.45 -16.52
CA VAL B 181 25.72 21.62 -16.22
C VAL B 181 25.01 22.19 -15.00
N PRO B 182 23.66 22.29 -15.07
CA PRO B 182 22.89 22.83 -13.95
C PRO B 182 23.00 21.96 -12.71
N LYS B 183 22.95 22.55 -11.52
CA LYS B 183 23.04 21.79 -10.27
C LYS B 183 21.68 21.34 -9.75
N TYR B 184 20.62 22.05 -10.17
CA TYR B 184 19.27 21.80 -9.69
C TYR B 184 18.24 21.70 -10.81
N ALA B 185 17.21 20.90 -10.59
CA ALA B 185 16.08 20.83 -11.48
C ALA B 185 14.82 20.93 -10.67
N LEU B 186 13.78 21.51 -11.24
CA LEU B 186 12.44 21.38 -10.66
C LEU B 186 11.76 20.15 -11.27
N THR B 187 11.13 19.34 -10.43
CA THR B 187 10.50 18.09 -10.87
C THR B 187 9.20 17.81 -10.14
N ILE B 188 8.27 17.13 -10.82
CA ILE B 188 7.03 16.71 -10.17
C ILE B 188 7.34 15.63 -9.16
N GLY B 189 6.44 15.42 -8.20
CA GLY B 189 6.67 14.46 -7.12
C GLY B 189 6.09 13.11 -7.45
N VAL B 190 6.34 12.12 -6.59
CA VAL B 190 5.78 10.80 -6.84
C VAL B 190 4.27 10.86 -6.61
N GLY B 191 3.86 11.56 -5.57
CA GLY B 191 2.45 11.76 -5.29
C GLY B 191 1.77 12.50 -6.44
N THR B 192 2.47 13.45 -7.03
CA THR B 192 1.94 14.20 -8.16
C THR B 192 1.68 13.22 -9.30
N LEU B 193 2.64 12.34 -9.52
CA LEU B 193 2.51 11.29 -10.52
C LEU B 193 1.32 10.41 -10.21
N LEU B 194 1.29 9.88 -8.99
CA LEU B 194 0.27 8.89 -8.60
C LEU B 194 -1.15 9.43 -8.70
N ASP B 195 -1.29 10.75 -8.58
CA ASP B 195 -2.58 11.43 -8.68
C ASP B 195 -3.22 11.35 -10.09
N ALA B 196 -2.43 10.95 -11.09
CA ALA B 196 -2.97 10.82 -12.45
C ALA B 196 -4.02 9.70 -12.50
N GLN B 197 -5.03 9.83 -13.35
CA GLN B 197 -6.01 8.73 -13.53
C GLN B 197 -5.36 7.52 -14.17
N GLU B 198 -4.39 7.76 -15.05
CA GLU B 198 -3.69 6.65 -15.68
C GLU B 198 -2.20 6.96 -15.84
N ILE B 199 -1.37 5.97 -15.57
CA ILE B 199 0.06 6.12 -15.73
C ILE B 199 0.59 5.11 -16.73
N MET B 200 1.34 5.60 -17.71
CA MET B 200 1.91 4.70 -18.69
C MET B 200 3.40 4.89 -18.72
N ILE B 201 4.16 3.86 -18.36
CA ILE B 201 5.61 3.96 -18.30
C ILE B 201 6.27 3.24 -19.49
N LEU B 202 7.15 3.96 -20.20
CA LEU B 202 7.89 3.42 -21.33
C LEU B 202 9.22 2.84 -20.88
N VAL B 203 9.52 1.58 -21.20
CA VAL B 203 10.76 0.97 -20.72
C VAL B 203 11.50 0.24 -21.84
N THR B 204 12.63 0.79 -22.26
CA THR B 204 13.37 0.21 -23.37
C THR B 204 14.85 0.07 -23.05
N GLY B 205 15.50 -0.91 -23.67
CA GLY B 205 16.92 -1.10 -23.50
C GLY B 205 17.28 -2.07 -22.39
N HIS B 206 18.42 -2.71 -22.58
CA HIS B 206 18.97 -3.67 -21.63
C HIS B 206 19.24 -3.07 -20.24
N ASN B 207 19.63 -1.81 -20.18
N ASN B 207 19.63 -1.80 -20.21
CA ASN B 207 20.02 -1.21 -18.90
CA ASN B 207 20.00 -1.11 -18.98
C ASN B 207 18.84 -0.94 -17.96
C ASN B 207 18.85 -0.97 -17.96
N LYS B 208 17.63 -1.21 -18.42
CA LYS B 208 16.43 -1.03 -17.58
C LYS B 208 15.85 -2.36 -17.09
N ALA B 209 16.60 -3.44 -17.32
CA ALA B 209 16.15 -4.79 -17.03
C ALA B 209 15.96 -5.03 -15.53
N LEU B 210 16.86 -4.47 -14.72
CA LEU B 210 16.73 -4.61 -13.27
C LEU B 210 15.50 -3.84 -12.81
N ALA B 211 15.24 -2.69 -13.42
CA ALA B 211 14.13 -1.84 -12.99
C ALA B 211 12.79 -2.47 -13.35
N LEU B 212 12.73 -3.08 -14.53
CA LEU B 212 11.50 -3.73 -14.97
C LEU B 212 11.15 -4.90 -14.08
N GLN B 213 12.17 -5.67 -13.72
CA GLN B 213 12.00 -6.82 -12.84
C GLN B 213 11.42 -6.35 -11.51
N ALA B 214 12.02 -5.29 -10.97
CA ALA B 214 11.59 -4.73 -9.70
C ALA B 214 10.13 -4.28 -9.80
N ALA B 215 9.77 -3.71 -10.94
CA ALA B 215 8.43 -3.16 -11.13
C ALA B 215 7.42 -4.26 -11.34
N VAL B 216 7.81 -5.32 -12.02
CA VAL B 216 6.84 -6.34 -12.45
C VAL B 216 6.80 -7.53 -11.50
N GLU B 217 7.96 -8.07 -11.19
CA GLU B 217 8.04 -9.27 -10.36
C GLU B 217 8.32 -8.93 -8.90
N GLY B 218 9.08 -7.86 -8.65
CA GLY B 218 9.38 -7.43 -7.28
C GLY B 218 8.10 -7.00 -6.57
N SER B 219 8.20 -6.83 -5.24
CA SER B 219 7.08 -6.35 -4.45
C SER B 219 7.18 -4.83 -4.18
N VAL B 220 6.14 -4.26 -3.59
CA VAL B 220 6.13 -2.82 -3.34
C VAL B 220 7.30 -2.42 -2.43
N ASN B 221 8.20 -1.59 -2.98
N ASN B 221 8.25 -1.66 -2.97
CA ASN B 221 9.43 -1.22 -2.29
CA ASN B 221 9.35 -1.18 -2.14
C ASN B 221 9.85 0.24 -2.54
C ASN B 221 9.78 0.23 -2.50
N HIS B 222 10.06 1.02 -1.48
CA HIS B 222 10.34 2.43 -1.66
C HIS B 222 11.72 2.70 -2.28
N LEU B 223 12.59 1.69 -2.35
CA LEU B 223 13.89 1.90 -2.99
C LEU B 223 13.76 1.84 -4.50
N TRP B 224 12.74 1.13 -4.98
CA TRP B 224 12.43 1.10 -6.42
C TRP B 224 11.12 1.82 -6.63
N THR B 225 11.18 3.11 -6.94
CA THR B 225 9.98 3.96 -6.88
C THR B 225 8.90 3.44 -7.81
N VAL B 226 9.32 2.88 -8.93
CA VAL B 226 8.39 2.43 -9.93
C VAL B 226 7.48 1.30 -9.39
N SER B 227 7.93 0.53 -8.38
CA SER B 227 7.12 -0.60 -7.89
C SER B 227 5.83 -0.12 -7.23
N ALA B 228 5.85 1.12 -6.74
CA ALA B 228 4.65 1.75 -6.19
C ALA B 228 3.45 1.76 -7.16
N LEU B 229 3.70 1.72 -8.46
CA LEU B 229 2.60 1.70 -9.46
C LEU B 229 1.69 0.47 -9.31
N GLN B 230 2.19 -0.57 -8.66
CA GLN B 230 1.37 -1.73 -8.32
C GLN B 230 0.14 -1.35 -7.49
N LEU B 231 0.22 -0.23 -6.78
CA LEU B 231 -0.87 0.22 -5.93
C LEU B 231 -1.78 1.23 -6.65
N HIS B 232 -1.35 1.65 -7.83
CA HIS B 232 -2.11 2.63 -8.62
C HIS B 232 -3.26 1.93 -9.35
N PRO B 233 -4.43 2.59 -9.44
CA PRO B 233 -5.64 2.01 -10.04
C PRO B 233 -5.48 1.58 -11.51
N LYS B 234 -4.76 2.34 -12.32
CA LYS B 234 -4.58 1.98 -13.72
C LYS B 234 -3.22 2.39 -14.24
N ALA B 235 -2.29 1.45 -14.24
CA ALA B 235 -0.91 1.67 -14.63
C ALA B 235 -0.50 0.70 -15.74
N VAL B 236 0.14 1.23 -16.80
CA VAL B 236 0.69 0.42 -17.87
C VAL B 236 2.22 0.58 -17.96
N ILE B 237 2.91 -0.53 -18.22
CA ILE B 237 4.30 -0.46 -18.66
C ILE B 237 4.39 -1.04 -20.07
N VAL B 238 5.02 -0.30 -20.97
CA VAL B 238 5.23 -0.72 -22.35
C VAL B 238 6.72 -0.94 -22.56
N CYS B 239 7.11 -2.16 -22.91
CA CYS B 239 8.52 -2.51 -22.84
C CYS B 239 9.02 -3.25 -24.07
N ASP B 240 10.33 -3.28 -24.26
CA ASP B 240 10.91 -4.01 -25.39
C ASP B 240 11.64 -5.28 -24.90
N GLU B 241 11.98 -6.18 -25.82
N GLU B 241 11.98 -6.17 -25.83
CA GLU B 241 12.64 -7.43 -25.45
CA GLU B 241 12.64 -7.43 -25.49
C GLU B 241 13.94 -7.22 -24.66
C GLU B 241 13.96 -7.24 -24.70
N PRO B 242 14.82 -6.29 -25.11
CA PRO B 242 16.02 -6.00 -24.30
C PRO B 242 15.74 -5.65 -22.84
N SER B 243 14.64 -4.96 -22.54
CA SER B 243 14.34 -4.60 -21.16
C SER B 243 13.81 -5.77 -20.31
N THR B 244 13.51 -6.91 -20.94
CA THR B 244 12.90 -8.06 -20.23
C THR B 244 13.89 -9.11 -19.74
N GLN B 245 15.18 -8.88 -19.95
CA GLN B 245 16.19 -9.91 -19.74
C GLN B 245 16.25 -10.46 -18.31
N GLU B 246 15.82 -9.68 -17.32
CA GLU B 246 15.94 -10.16 -15.94
C GLU B 246 14.63 -10.80 -15.45
N LEU B 247 13.64 -10.91 -16.33
CA LEU B 247 12.38 -11.57 -16.00
C LEU B 247 12.41 -13.07 -16.25
N LYS B 248 11.53 -13.76 -15.54
CA LYS B 248 11.31 -15.17 -15.80
C LYS B 248 10.63 -15.34 -17.14
N VAL B 249 11.04 -16.36 -17.88
CA VAL B 249 10.38 -16.73 -19.12
C VAL B 249 8.85 -16.79 -18.96
N LYS B 250 8.37 -17.37 -17.87
CA LYS B 250 6.92 -17.49 -17.68
C LYS B 250 6.27 -16.12 -17.49
N THR B 251 7.01 -15.16 -16.96
CA THR B 251 6.45 -13.84 -16.73
C THR B 251 6.13 -13.14 -18.05
N VAL B 252 7.10 -13.12 -18.96
CA VAL B 252 6.91 -12.60 -20.31
C VAL B 252 5.81 -13.36 -21.05
N LYS B 253 5.84 -14.69 -20.97
CA LYS B 253 4.80 -15.51 -21.60
C LYS B 253 3.44 -15.09 -21.06
N TYR B 254 3.35 -14.90 -19.75
CA TYR B 254 2.09 -14.54 -19.13
C TYR B 254 1.48 -13.27 -19.70
N PHE B 255 2.27 -12.21 -19.75
CA PHE B 255 1.76 -10.92 -20.16
C PHE B 255 1.64 -10.79 -21.68
N THR B 256 2.46 -11.54 -22.42
CA THR B 256 2.37 -11.49 -23.87
C THR B 256 1.05 -12.10 -24.31
N GLU B 257 0.56 -13.07 -23.55
CA GLU B 257 -0.64 -13.76 -23.93
C GLU B 257 -1.87 -13.04 -23.37
N LEU B 258 -1.75 -12.52 -22.16
CA LEU B 258 -2.83 -11.72 -21.55
C LEU B 258 -3.15 -10.47 -22.38
N GLU B 259 -2.15 -9.96 -23.10
CA GLU B 259 -2.34 -8.71 -23.84
C GLU B 259 -2.35 -8.94 -25.35
N ALA B 260 -2.40 -10.21 -25.74
CA ALA B 260 -2.35 -10.64 -27.14
C ALA B 260 -3.21 -9.78 -28.08
N LYS B 261 -4.47 -9.54 -27.68
CA LYS B 261 -5.42 -8.78 -28.48
C LYS B 261 -4.94 -7.36 -28.71
N ASN B 262 -4.20 -6.84 -27.73
CA ASN B 262 -3.75 -5.45 -27.77
C ASN B 262 -2.39 -5.31 -28.44
N ILE B 263 -1.72 -6.44 -28.66
CA ILE B 263 -0.37 -6.47 -29.22
C ILE B 263 -0.42 -6.57 -30.75
N VAL B 264 -1.56 -6.99 -31.27
CA VAL B 264 -1.72 -7.23 -32.71
C VAL B 264 -1.59 -5.96 -33.54
N GLY B 265 -0.69 -6.00 -34.51
CA GLY B 265 -0.46 -4.85 -35.35
C GLY B 265 0.66 -4.03 -34.74
N PHE B 266 1.38 -4.64 -33.80
CA PHE B 266 2.56 -4.01 -33.21
C PHE B 266 3.70 -5.00 -33.04
N MET C 1 11.13 6.69 2.19
CA MET C 1 11.39 6.90 3.62
C MET C 1 12.84 7.25 3.87
N ARG C 2 13.07 8.26 4.71
CA ARG C 2 14.41 8.75 5.02
C ARG C 2 15.17 7.83 5.99
N LEU C 3 16.48 7.74 5.77
CA LEU C 3 17.37 7.04 6.69
C LEU C 3 18.55 7.94 7.02
N ILE C 4 18.83 8.07 8.31
CA ILE C 4 19.93 8.89 8.81
C ILE C 4 20.99 8.02 9.45
N PRO C 5 22.02 7.64 8.69
CA PRO C 5 22.98 6.71 9.27
C PRO C 5 24.02 7.45 10.08
N LEU C 6 24.07 7.17 11.38
CA LEU C 6 25.01 7.79 12.29
C LEU C 6 25.90 6.74 12.94
N LYS C 7 26.98 7.20 13.56
CA LYS C 7 27.99 6.29 14.11
C LYS C 7 27.51 5.57 15.36
N ALA C 8 27.07 6.33 16.36
CA ALA C 8 26.77 5.76 17.68
C ALA C 8 25.47 6.30 18.24
N ALA C 9 24.96 5.62 19.27
CA ALA C 9 23.64 5.94 19.82
C ALA C 9 23.57 7.37 20.37
N ALA C 10 24.69 7.85 20.92
CA ALA C 10 24.76 9.20 21.43
C ALA C 10 24.40 10.23 20.35
N GLN C 11 24.93 10.06 19.15
CA GLN C 11 24.59 10.96 18.05
C GLN C 11 23.16 10.77 17.54
N VAL C 12 22.62 9.56 17.66
CA VAL C 12 21.23 9.32 17.30
C VAL C 12 20.32 10.16 18.19
N GLY C 13 20.52 10.06 19.50
CA GLY C 13 19.75 10.83 20.45
C GLY C 13 19.82 12.33 20.20
N LYS C 14 21.03 12.82 19.96
CA LYS C 14 21.24 14.25 19.67
C LYS C 14 20.57 14.68 18.36
N TRP C 15 20.74 13.88 17.30
CA TRP C 15 20.06 14.14 16.03
C TRP C 15 18.53 14.20 16.18
N ALA C 16 17.96 13.20 16.85
CA ALA C 16 16.51 13.13 17.04
C ALA C 16 16.01 14.33 17.83
N ALA C 17 16.78 14.68 18.86
CA ALA C 17 16.47 15.81 19.69
C ALA C 17 16.52 17.11 18.88
N ALA C 18 17.51 17.25 18.01
CA ALA C 18 17.58 18.44 17.18
C ALA C 18 16.36 18.51 16.24
N HIS C 19 15.94 17.36 15.72
CA HIS C 19 14.83 17.33 14.77
C HIS C 19 13.51 17.71 15.45
N ILE C 20 13.34 17.28 16.70
CA ILE C 20 12.15 17.61 17.47
C ILE C 20 12.14 19.11 17.70
N VAL C 21 13.31 19.66 17.99
CA VAL C 21 13.41 21.08 18.29
C VAL C 21 13.13 21.89 17.01
N LYS C 22 13.66 21.45 15.88
CA LYS C 22 13.37 22.10 14.58
C LYS C 22 11.87 22.19 14.33
N ARG C 23 11.17 21.07 14.47
CA ARG C 23 9.74 21.01 14.18
C ARG C 23 8.97 21.89 15.13
N ILE C 24 9.26 21.83 16.42
CA ILE C 24 8.55 22.66 17.38
C ILE C 24 8.71 24.13 17.03
N ASN C 25 9.96 24.55 16.83
CA ASN C 25 10.27 25.93 16.46
C ASN C 25 9.71 26.35 15.09
N GLU C 26 9.63 25.42 14.12
CA GLU C 26 9.00 25.74 12.82
C GLU C 26 7.47 25.90 12.97
N PHE C 27 6.90 25.16 13.91
CA PHE C 27 5.46 25.14 14.15
C PHE C 27 4.98 26.39 14.88
N GLN C 28 5.83 26.87 15.79
CA GLN C 28 5.50 27.99 16.68
C GLN C 28 4.19 27.74 17.43
N PRO C 29 4.21 26.78 18.35
CA PRO C 29 3.02 26.41 19.14
C PRO C 29 2.57 27.54 20.07
N THR C 30 1.26 27.63 20.27
CA THR C 30 0.69 28.50 21.29
C THR C 30 -0.34 27.75 22.13
N ALA C 31 -0.98 28.47 23.04
CA ALA C 31 -2.05 27.89 23.83
C ALA C 31 -3.18 27.43 22.92
N GLU C 32 -3.48 28.22 21.90
CA GLU C 32 -4.56 27.91 20.97
C GLU C 32 -4.17 26.80 20.00
N ARG C 33 -2.95 26.87 19.51
CA ARG C 33 -2.47 25.92 18.52
C ARG C 33 -1.22 25.21 19.05
N PRO C 34 -1.42 24.21 19.91
CA PRO C 34 -0.27 23.51 20.49
C PRO C 34 0.45 22.64 19.47
N PHE C 35 1.72 22.33 19.72
CA PHE C 35 2.43 21.28 19.00
C PHE C 35 2.17 19.91 19.68
N VAL C 36 1.76 18.93 18.88
CA VAL C 36 1.42 17.61 19.43
C VAL C 36 2.50 16.57 19.12
N LEU C 37 3.07 16.00 20.19
CA LEU C 37 4.25 15.15 20.08
C LEU C 37 3.98 13.75 20.64
N GLY C 38 4.10 12.73 19.78
CA GLY C 38 3.97 11.36 20.20
C GLY C 38 5.28 10.80 20.74
N LEU C 39 5.22 10.10 21.88
CA LEU C 39 6.42 9.68 22.58
C LEU C 39 6.47 8.20 22.96
N PRO C 40 7.68 7.61 22.92
CA PRO C 40 8.01 6.24 23.31
C PRO C 40 8.75 6.17 24.64
N THR C 41 9.03 4.96 25.12
CA THR C 41 9.87 4.79 26.30
C THR C 41 11.00 3.81 26.05
N GLY C 42 11.79 3.54 27.07
CA GLY C 42 12.84 2.54 26.98
C GLY C 42 14.23 3.13 26.79
N GLY C 43 15.23 2.24 26.69
CA GLY C 43 16.63 2.63 26.59
C GLY C 43 16.95 3.57 25.44
N THR C 44 16.47 3.24 24.24
CA THR C 44 16.84 4.00 23.04
C THR C 44 16.43 5.48 23.10
N PRO C 45 15.15 5.80 23.37
CA PRO C 45 14.83 7.23 23.40
C PRO C 45 15.46 7.99 24.56
N LEU C 46 16.11 7.30 25.49
CA LEU C 46 16.62 7.95 26.69
C LEU C 46 17.63 9.05 26.31
N ALA C 47 18.55 8.71 25.41
CA ALA C 47 19.52 9.67 24.89
C ALA C 47 18.82 10.92 24.36
N THR C 48 17.74 10.72 23.62
CA THR C 48 17.01 11.81 23.02
C THR C 48 16.40 12.72 24.08
N TYR C 49 15.81 12.10 25.09
CA TYR C 49 15.23 12.87 26.18
C TYR C 49 16.28 13.73 26.88
N LYS C 50 17.47 13.17 27.13
CA LYS C 50 18.51 13.90 27.86
C LYS C 50 19.09 15.05 27.06
N ALA C 51 19.19 14.86 25.75
CA ALA C 51 19.65 15.94 24.89
C ALA C 51 18.61 17.05 24.81
N LEU C 52 17.33 16.67 24.81
CA LEU C 52 16.23 17.61 24.78
C LEU C 52 16.22 18.47 26.01
N ILE C 53 16.45 17.83 27.15
CA ILE C 53 16.50 18.52 28.42
C ILE C 53 17.65 19.56 28.41
N GLU C 54 18.77 19.20 27.78
CA GLU C 54 19.91 20.10 27.68
C GLU C 54 19.61 21.33 26.81
N MET C 55 19.09 21.06 25.61
CA MET C 55 18.66 22.12 24.70
C MET C 55 17.66 23.07 25.34
N HIS C 56 16.69 22.52 26.08
CA HIS C 56 15.74 23.33 26.83
C HIS C 56 16.44 24.17 27.92
N LYS C 57 17.44 23.59 28.58
CA LYS C 57 18.19 24.33 29.61
C LYS C 57 19.03 25.42 28.96
N ALA C 58 19.41 25.19 27.70
CA ALA C 58 20.16 26.17 26.93
C ALA C 58 19.28 27.29 26.34
N GLY C 59 17.96 27.18 26.50
CA GLY C 59 17.05 28.18 25.95
C GLY C 59 16.69 27.96 24.50
N GLU C 60 16.89 26.74 24.01
CA GLU C 60 16.73 26.46 22.60
C GLU C 60 15.32 25.96 22.25
N VAL C 61 14.54 25.62 23.27
CA VAL C 61 13.15 25.21 23.05
C VAL C 61 12.34 25.23 24.35
N SER C 62 11.03 25.43 24.21
CA SER C 62 10.11 25.43 25.34
C SER C 62 8.98 24.43 25.07
N PHE C 63 8.59 23.71 26.12
CA PHE C 63 7.53 22.73 26.01
C PHE C 63 6.22 23.22 26.58
N LYS C 64 6.13 24.52 26.84
CA LYS C 64 4.92 25.06 27.47
C LYS C 64 3.66 24.78 26.66
N HIS C 65 3.78 24.86 25.33
CA HIS C 65 2.64 24.62 24.46
C HIS C 65 2.84 23.38 23.63
N VAL C 66 3.57 22.42 24.20
CA VAL C 66 3.72 21.11 23.58
C VAL C 66 2.74 20.14 24.26
N VAL C 67 1.96 19.42 23.47
CA VAL C 67 1.08 18.40 24.04
C VAL C 67 1.66 17.02 23.70
N THR C 68 1.77 16.16 24.70
CA THR C 68 2.37 14.84 24.47
C THR C 68 1.35 13.70 24.52
N PHE C 69 1.63 12.65 23.77
CA PHE C 69 0.87 11.39 23.86
C PHE C 69 1.85 10.20 23.92
N ASN C 70 1.72 9.33 24.92
CA ASN C 70 2.58 8.16 24.95
C ASN C 70 1.98 6.94 24.29
N MET C 71 2.87 6.03 23.90
CA MET C 71 2.49 4.83 23.22
C MET C 71 1.81 3.81 24.10
N ASP C 72 2.29 3.66 25.33
N ASP C 72 2.30 3.67 25.34
CA ASP C 72 1.85 2.54 26.16
CA ASP C 72 1.97 2.52 26.18
C ASP C 72 1.81 2.80 27.66
C ASP C 72 1.77 2.83 27.66
N GLU C 73 1.10 1.91 28.36
CA GLU C 73 1.06 1.88 29.83
C GLU C 73 0.64 0.47 30.28
N TYR C 74 1.19 -0.01 31.39
CA TYR C 74 0.78 -1.32 31.95
C TYR C 74 -0.63 -1.31 32.50
N VAL C 75 -1.31 -2.45 32.35
CA VAL C 75 -2.60 -2.66 33.01
C VAL C 75 -2.41 -3.20 34.43
N GLY C 76 -3.02 -2.54 35.41
CA GLY C 76 -3.08 -3.11 36.75
C GLY C 76 -1.98 -2.61 37.70
N LEU C 77 -0.97 -1.95 37.14
CA LEU C 77 0.10 -1.37 37.94
C LEU C 77 -0.27 0.06 38.35
N ALA C 78 -0.15 0.37 39.64
CA ALA C 78 -0.33 1.73 40.12
C ALA C 78 0.46 2.74 39.24
N ALA C 79 -0.18 3.86 38.89
CA ALA C 79 0.43 4.88 38.04
C ALA C 79 1.74 5.43 38.64
N ASP C 80 1.73 5.62 39.94
CA ASP C 80 2.85 6.17 40.73
C ASP C 80 3.99 5.17 40.97
N HIS C 81 3.72 3.89 40.70
CA HIS C 81 4.72 2.87 40.88
C HIS C 81 5.91 3.15 39.97
N PRO C 82 7.12 2.95 40.50
CA PRO C 82 8.38 3.23 39.81
C PRO C 82 8.51 2.57 38.44
N GLU C 83 7.87 1.43 38.22
CA GLU C 83 8.00 0.76 36.93
C GLU C 83 6.89 1.10 35.94
N SER C 84 6.04 2.07 36.25
CA SER C 84 4.98 2.43 35.29
C SER C 84 5.56 3.25 34.13
N TYR C 85 4.86 3.26 32.99
CA TYR C 85 5.31 4.07 31.86
C TYR C 85 5.16 5.55 32.19
N ARG C 86 4.14 5.87 32.97
CA ARG C 86 4.00 7.24 33.49
C ARG C 86 5.25 7.65 34.25
N SER C 87 5.68 6.79 35.17
CA SER C 87 6.84 7.08 35.99
C SER C 87 8.11 7.24 35.16
N PHE C 88 8.25 6.42 34.12
CA PHE C 88 9.40 6.55 33.23
C PHE C 88 9.41 7.93 32.57
N MET C 89 8.24 8.39 32.14
CA MET C 89 8.21 9.64 31.38
C MET C 89 8.43 10.86 32.26
N TYR C 90 7.96 10.82 33.49
CA TYR C 90 8.19 11.94 34.39
C TYR C 90 9.63 11.91 34.93
N ASN C 91 10.07 10.76 35.41
CA ASN C 91 11.39 10.70 36.03
C ASN C 91 12.54 10.93 35.06
N ASN C 92 12.32 10.63 33.78
CA ASN C 92 13.39 10.79 32.79
C ASN C 92 13.21 12.00 31.86
N PHE C 93 12.05 12.64 31.91
CA PHE C 93 11.77 13.69 30.95
C PHE C 93 10.90 14.80 31.50
N PHE C 94 9.66 14.46 31.84
CA PHE C 94 8.67 15.48 32.12
C PHE C 94 9.06 16.35 33.32
N ASN C 95 9.65 15.74 34.36
CA ASN C 95 10.02 16.50 35.57
C ASN C 95 11.13 17.51 35.31
N HIS C 96 11.71 17.46 34.11
CA HIS C 96 12.89 18.28 33.83
C HIS C 96 12.61 19.51 32.97
N ILE C 97 11.40 19.59 32.45
CA ILE C 97 11.08 20.58 31.42
C ILE C 97 9.86 21.43 31.82
N ASP C 98 9.59 22.47 31.05
CA ASP C 98 8.53 23.42 31.39
C ASP C 98 7.15 22.97 30.88
N ILE C 99 6.98 21.67 30.67
CA ILE C 99 5.72 21.13 30.15
C ILE C 99 4.57 21.31 31.17
N GLN C 100 3.33 21.40 30.69
CA GLN C 100 2.18 21.60 31.57
C GLN C 100 1.45 20.29 31.81
N GLU C 101 1.11 20.05 33.07
CA GLU C 101 0.33 18.87 33.46
C GLU C 101 -0.87 18.63 32.54
N GLU C 102 -1.62 19.68 32.25
N GLU C 102 -1.59 19.71 32.27
CA GLU C 102 -2.83 19.53 31.44
CA GLU C 102 -2.77 19.73 31.41
C GLU C 102 -2.55 19.17 29.98
C GLU C 102 -2.53 19.13 30.02
N ASN C 103 -1.29 19.18 29.57
CA ASN C 103 -0.94 18.80 28.19
C ASN C 103 -0.22 17.47 28.10
N ILE C 104 -0.13 16.77 29.23
CA ILE C 104 0.49 15.46 29.22
C ILE C 104 -0.57 14.41 29.11
N ASN C 105 -0.43 13.50 28.14
CA ASN C 105 -1.41 12.44 28.01
C ASN C 105 -0.76 11.06 28.07
N LEU C 106 -1.34 10.20 28.89
CA LEU C 106 -0.93 8.81 29.01
C LEU C 106 -2.17 7.97 29.16
N LEU C 107 -2.08 6.72 28.74
CA LEU C 107 -3.17 5.78 28.95
C LEU C 107 -3.36 5.43 30.43
N ASN C 108 -4.61 5.30 30.87
CA ASN C 108 -4.90 4.87 32.23
C ASN C 108 -5.08 3.35 32.30
N GLY C 109 -4.14 2.66 32.93
CA GLY C 109 -4.17 1.22 32.95
C GLY C 109 -5.12 0.59 33.96
N ASN C 110 -5.84 1.42 34.71
CA ASN C 110 -6.61 0.91 35.84
C ASN C 110 -8.06 1.40 35.89
N THR C 111 -8.68 1.61 34.74
CA THR C 111 -10.11 1.90 34.72
C THR C 111 -10.90 0.58 34.80
N ASP C 112 -12.23 0.66 34.81
CA ASP C 112 -13.07 -0.54 34.80
C ASP C 112 -13.60 -0.88 33.40
N ASP C 113 -12.98 -0.30 32.38
CA ASP C 113 -13.39 -0.50 30.98
C ASP C 113 -12.26 -0.04 30.09
N HIS C 114 -11.44 -0.99 29.66
CA HIS C 114 -10.26 -0.69 28.86
C HIS C 114 -10.60 -0.18 27.45
N GLU C 115 -11.67 -0.75 26.88
N GLU C 115 -11.66 -0.75 26.86
CA GLU C 115 -12.13 -0.37 25.55
CA GLU C 115 -12.12 -0.34 25.54
C GLU C 115 -12.50 1.11 25.52
C GLU C 115 -12.47 1.14 25.53
N ALA C 116 -13.19 1.56 26.56
CA ALA C 116 -13.59 2.96 26.68
C ALA C 116 -12.38 3.86 26.94
N GLU C 117 -11.44 3.38 27.75
CA GLU C 117 -10.24 4.16 28.01
C GLU C 117 -9.45 4.40 26.72
N CYS C 118 -9.29 3.34 25.95
CA CYS C 118 -8.60 3.43 24.66
C CYS C 118 -9.34 4.35 23.69
N LYS C 119 -10.65 4.24 23.68
CA LYS C 119 -11.52 5.09 22.90
C LYS C 119 -11.33 6.55 23.30
N ARG C 120 -11.24 6.80 24.61
CA ARG C 120 -11.04 8.14 25.14
C ARG C 120 -9.74 8.73 24.64
N TYR C 121 -8.70 7.90 24.61
CA TYR C 121 -7.37 8.33 24.20
C TYR C 121 -7.38 8.73 22.71
N GLU C 122 -8.00 7.90 21.87
CA GLU C 122 -8.11 8.21 20.45
C GLU C 122 -8.90 9.49 20.23
N ASP C 123 -10.02 9.62 20.91
CA ASP C 123 -10.84 10.83 20.82
C ASP C 123 -10.04 12.09 21.17
N LYS C 124 -9.21 12.02 22.20
CA LYS C 124 -8.47 13.23 22.60
C LYS C 124 -7.41 13.62 21.58
N ILE C 125 -6.75 12.63 20.99
CA ILE C 125 -5.81 12.90 19.91
C ILE C 125 -6.53 13.67 18.80
N LYS C 126 -7.71 13.17 18.43
CA LYS C 126 -8.47 13.75 17.34
C LYS C 126 -9.06 15.11 17.68
N SER C 127 -9.13 15.46 18.96
CA SER C 127 -9.55 16.82 19.32
C SER C 127 -8.44 17.83 19.02
N TYR C 128 -7.22 17.37 18.80
CA TYR C 128 -6.12 18.25 18.43
C TYR C 128 -5.89 18.23 16.91
N GLY C 129 -6.79 17.58 16.19
CA GLY C 129 -6.55 17.27 14.79
C GLY C 129 -5.62 16.08 14.67
N LYS C 130 -4.34 16.35 14.45
CA LYS C 130 -3.36 15.28 14.28
C LYS C 130 -2.20 15.39 15.26
N ILE C 131 -1.48 14.29 15.36
CA ILE C 131 -0.17 14.29 15.99
C ILE C 131 0.82 14.83 14.97
N ASN C 132 1.56 15.86 15.34
CA ASN C 132 2.49 16.48 14.43
C ASN C 132 3.76 15.67 14.19
N LEU C 133 4.28 15.06 15.24
CA LEU C 133 5.49 14.24 15.12
C LEU C 133 5.43 13.10 16.11
N PHE C 134 5.62 11.88 15.62
CA PHE C 134 5.55 10.73 16.51
C PHE C 134 6.91 10.04 16.56
N MET C 135 7.49 9.99 17.75
CA MET C 135 8.76 9.30 17.93
C MET C 135 8.51 7.86 18.42
N GLY C 136 9.27 6.91 17.89
CA GLY C 136 9.18 5.55 18.36
C GLY C 136 10.48 4.80 18.24
N GLY C 137 10.48 3.59 18.79
CA GLY C 137 11.54 2.62 18.57
C GLY C 137 10.90 1.46 17.80
N VAL C 138 11.59 0.34 17.74
CA VAL C 138 11.10 -0.79 16.98
C VAL C 138 11.58 -2.09 17.61
N GLY C 139 10.72 -3.11 17.62
CA GLY C 139 11.12 -4.41 18.14
C GLY C 139 12.24 -5.06 17.33
N ASN C 140 12.77 -6.17 17.82
CA ASN C 140 13.73 -6.96 17.07
C ASN C 140 13.06 -7.62 15.88
N ASP C 141 11.75 -7.81 15.98
CA ASP C 141 10.98 -8.42 14.91
C ASP C 141 10.19 -7.37 14.14
N GLY C 142 10.65 -6.12 14.24
CA GLY C 142 10.06 -5.00 13.52
C GLY C 142 8.69 -4.54 14.01
N HIS C 143 8.26 -4.99 15.18
CA HIS C 143 6.95 -4.57 15.68
C HIS C 143 7.00 -3.18 16.31
N ILE C 144 5.84 -2.53 16.40
CA ILE C 144 5.74 -1.18 16.97
C ILE C 144 4.89 -1.18 18.25
N ALA C 145 5.44 -0.63 19.32
CA ALA C 145 4.77 -0.58 20.62
C ALA C 145 4.43 -2.00 21.11
N PHE C 146 3.20 -2.25 21.53
CA PHE C 146 2.86 -3.63 21.88
C PHE C 146 2.05 -4.33 20.79
N ASN C 147 2.00 -3.72 19.61
CA ASN C 147 1.39 -4.36 18.45
C ASN C 147 2.16 -5.60 17.99
N GLU C 148 1.45 -6.71 17.80
CA GLU C 148 2.05 -7.94 17.35
C GLU C 148 2.58 -7.79 15.94
N PRO C 149 3.63 -8.55 15.57
CA PRO C 149 3.83 -8.69 14.13
C PRO C 149 2.55 -9.23 13.48
N ALA C 150 2.35 -8.94 12.21
CA ALA C 150 1.13 -9.25 11.47
C ALA C 150 -0.08 -8.44 11.96
N SER C 151 0.16 -7.34 12.69
CA SER C 151 -0.93 -6.43 13.03
C SER C 151 -1.50 -5.72 11.79
N SER C 152 -2.80 -5.48 11.83
CA SER C 152 -3.45 -4.66 10.82
C SER C 152 -2.86 -3.28 10.82
N LEU C 153 -2.65 -2.73 9.63
CA LEU C 153 -2.17 -1.36 9.46
C LEU C 153 -3.21 -0.34 9.91
N SER C 154 -4.45 -0.79 10.14
CA SER C 154 -5.50 0.13 10.59
C SER C 154 -5.87 -0.14 12.05
N SER C 155 -5.04 -0.91 12.74
CA SER C 155 -5.29 -1.24 14.14
C SER C 155 -5.27 0.01 15.03
N ARG C 156 -6.19 0.06 16.00
CA ARG C 156 -6.34 1.20 16.92
C ARG C 156 -5.89 0.89 18.36
N THR C 157 -6.04 1.88 19.25
CA THR C 157 -5.54 1.77 20.61
C THR C 157 -6.32 0.72 21.38
N ARG C 158 -5.62 -0.24 22.01
CA ARG C 158 -6.30 -1.41 22.57
C ARG C 158 -5.47 -2.15 23.61
N ILE C 159 -6.13 -2.97 24.42
CA ILE C 159 -5.41 -3.83 25.38
C ILE C 159 -4.67 -4.92 24.60
N LYS C 160 -3.50 -5.29 25.09
CA LYS C 160 -2.70 -6.34 24.46
C LYS C 160 -2.16 -7.25 25.56
N THR C 161 -2.15 -8.55 25.30
CA THR C 161 -1.54 -9.52 26.21
C THR C 161 -0.03 -9.59 25.98
N LEU C 162 0.77 -9.29 27.00
CA LEU C 162 2.23 -9.33 26.86
C LEU C 162 2.76 -10.74 26.59
N THR C 163 3.62 -10.87 25.59
CA THR C 163 4.27 -12.15 25.29
C THR C 163 5.07 -12.64 26.48
N GLU C 164 5.23 -13.95 26.61
CA GLU C 164 5.94 -14.51 27.76
C GLU C 164 7.41 -14.11 27.72
N ASP C 165 7.90 -13.80 26.54
CA ASP C 165 9.28 -13.34 26.37
C ASP C 165 9.48 -11.93 26.93
N THR C 166 8.57 -11.03 26.59
CA THR C 166 8.62 -9.67 27.11
C THR C 166 8.47 -9.69 28.63
N ARG C 167 7.59 -10.56 29.12
CA ARG C 167 7.37 -10.67 30.56
C ARG C 167 8.59 -11.25 31.26
N ILE C 168 9.25 -12.20 30.60
CA ILE C 168 10.49 -12.79 31.12
C ILE C 168 11.59 -11.72 31.19
N ALA C 169 11.64 -10.88 30.17
CA ALA C 169 12.60 -9.78 30.12
C ALA C 169 12.45 -8.83 31.31
N ASN C 170 11.22 -8.49 31.66
CA ASN C 170 10.96 -7.49 32.71
C ASN C 170 11.02 -8.02 34.14
N SER C 171 11.21 -9.33 34.29
CA SER C 171 11.24 -9.97 35.61
C SER C 171 12.24 -9.35 36.57
N ARG C 172 13.31 -8.76 36.02
CA ARG C 172 14.36 -8.14 36.82
C ARG C 172 13.82 -7.00 37.68
N PHE C 173 12.74 -6.38 37.22
CA PHE C 173 12.26 -5.13 37.81
C PHE C 173 11.08 -5.33 38.76
N PHE C 174 10.73 -6.58 39.04
CA PHE C 174 9.60 -6.86 39.92
C PHE C 174 9.92 -7.91 40.99
N ASP C 177 10.83 -11.77 39.84
CA ASP C 177 9.67 -12.66 39.95
C ASP C 177 8.63 -12.43 38.85
N ILE C 178 8.39 -13.47 38.04
CA ILE C 178 7.50 -13.40 36.89
C ILE C 178 6.04 -13.12 37.24
N ASN C 179 5.62 -13.59 38.41
CA ASN C 179 4.20 -13.58 38.77
C ASN C 179 3.65 -12.21 39.14
N GLN C 180 4.52 -11.25 39.44
CA GLN C 180 4.02 -9.92 39.76
C GLN C 180 4.21 -8.94 38.58
N VAL C 181 4.84 -9.41 37.51
CA VAL C 181 4.94 -8.67 36.24
C VAL C 181 3.58 -8.62 35.54
N PRO C 182 3.16 -7.42 35.11
CA PRO C 182 1.83 -7.26 34.50
C PRO C 182 1.59 -8.18 33.31
N LYS C 183 0.35 -8.63 33.13
CA LYS C 183 0.04 -9.53 32.03
C LYS C 183 -0.44 -8.77 30.80
N TYR C 184 -1.00 -7.58 31.03
CA TYR C 184 -1.57 -6.79 29.93
C TYR C 184 -1.00 -5.38 29.87
N ALA C 185 -0.98 -4.81 28.66
CA ALA C 185 -0.64 -3.42 28.47
C ALA C 185 -1.68 -2.74 27.59
N LEU C 186 -1.90 -1.45 27.81
CA LEU C 186 -2.65 -0.65 26.85
C LEU C 186 -1.66 -0.03 25.84
N THR C 187 -1.93 -0.14 24.55
CA THR C 187 -0.99 0.34 23.54
C THR C 187 -1.72 1.02 22.38
N ILE C 188 -1.09 2.04 21.77
CA ILE C 188 -1.65 2.64 20.55
C ILE C 188 -1.51 1.65 19.40
N GLY C 189 -2.43 1.76 18.43
CA GLY C 189 -2.42 0.89 17.26
C GLY C 189 -1.49 1.37 16.16
N VAL C 190 -1.29 0.54 15.15
CA VAL C 190 -0.45 0.93 14.02
C VAL C 190 -1.10 2.08 13.26
N GLY C 191 -2.42 2.03 13.12
CA GLY C 191 -3.17 3.10 12.47
C GLY C 191 -3.06 4.38 13.27
N THR C 192 -3.11 4.27 14.60
CA THR C 192 -2.90 5.43 15.46
C THR C 192 -1.58 6.10 15.08
N LEU C 193 -0.54 5.28 14.93
CA LEU C 193 0.80 5.76 14.65
C LEU C 193 0.86 6.40 13.27
N LEU C 194 0.34 5.66 12.28
CA LEU C 194 0.38 6.07 10.88
C LEU C 194 -0.40 7.35 10.64
N ASP C 195 -1.38 7.64 11.50
CA ASP C 195 -2.18 8.87 11.42
C ASP C 195 -1.38 10.16 11.68
N ALA C 196 -0.13 10.02 12.12
CA ALA C 196 0.67 11.20 12.46
C ALA C 196 1.21 11.87 11.19
N GLN C 197 1.49 13.19 11.27
CA GLN C 197 2.04 13.92 10.13
C GLN C 197 3.44 13.43 9.80
N GLU C 198 4.24 13.16 10.82
CA GLU C 198 5.59 12.67 10.61
C GLU C 198 5.88 11.57 11.62
N ILE C 199 6.60 10.53 11.20
CA ILE C 199 7.04 9.51 12.12
C ILE C 199 8.58 9.45 12.13
N MET C 200 9.16 9.48 13.32
CA MET C 200 10.60 9.28 13.48
C MET C 200 10.84 8.04 14.34
N ILE C 201 11.51 7.04 13.77
CA ILE C 201 11.79 5.81 14.49
C ILE C 201 13.28 5.74 14.78
N LEU C 202 13.64 5.69 16.07
CA LEU C 202 15.03 5.56 16.47
C LEU C 202 15.41 4.08 16.52
N VAL C 203 16.55 3.72 15.95
CA VAL C 203 16.97 2.32 15.96
C VAL C 203 18.48 2.15 16.21
N THR C 204 18.81 1.52 17.34
CA THR C 204 20.20 1.38 17.78
C THR C 204 20.53 -0.06 18.23
N GLY C 205 21.75 -0.51 17.95
CA GLY C 205 22.21 -1.81 18.42
C GLY C 205 22.19 -2.93 17.41
N HIS C 206 23.11 -3.89 17.57
N HIS C 206 23.10 -3.88 17.58
CA HIS C 206 23.26 -5.00 16.65
CA HIS C 206 23.28 -5.02 16.68
C HIS C 206 21.97 -5.83 16.53
C HIS C 206 22.03 -5.90 16.58
N ASN C 207 21.17 -5.85 17.58
CA ASN C 207 19.99 -6.72 17.58
C ASN C 207 18.80 -6.14 16.81
N LYS C 208 18.94 -4.92 16.29
CA LYS C 208 17.92 -4.34 15.41
C LYS C 208 18.29 -4.38 13.92
N ALA C 209 19.40 -5.03 13.59
CA ALA C 209 19.90 -5.03 12.21
C ALA C 209 18.94 -5.74 11.25
N LEU C 210 18.30 -6.80 11.72
CA LEU C 210 17.34 -7.49 10.86
C LEU C 210 16.09 -6.62 10.68
N ALA C 211 15.70 -5.91 11.73
CA ALA C 211 14.57 -4.98 11.63
C ALA C 211 14.86 -3.86 10.64
N LEU C 212 16.07 -3.29 10.73
CA LEU C 212 16.46 -2.19 9.89
C LEU C 212 16.52 -2.63 8.43
N GLN C 213 17.12 -3.80 8.18
CA GLN C 213 17.16 -4.39 6.84
C GLN C 213 15.76 -4.45 6.24
N ALA C 214 14.84 -5.03 7.00
CA ALA C 214 13.46 -5.23 6.56
C ALA C 214 12.81 -3.89 6.30
N ALA C 215 13.09 -2.95 7.18
CA ALA C 215 12.56 -1.60 7.11
C ALA C 215 13.07 -0.85 5.89
N VAL C 216 14.36 -0.97 5.61
CA VAL C 216 14.98 -0.12 4.59
C VAL C 216 15.11 -0.84 3.24
N GLU C 217 15.57 -2.08 3.27
CA GLU C 217 15.81 -2.83 2.04
C GLU C 217 14.65 -3.78 1.71
N GLY C 218 14.01 -4.32 2.74
CA GLY C 218 12.83 -5.16 2.54
C GLY C 218 11.66 -4.41 1.94
N SER C 219 10.67 -5.17 1.49
CA SER C 219 9.48 -4.60 0.88
C SER C 219 8.34 -4.52 1.87
N VAL C 220 7.23 -3.93 1.46
CA VAL C 220 6.13 -3.75 2.40
C VAL C 220 5.57 -5.13 2.77
N ASN C 221 5.62 -5.42 4.07
N ASN C 221 5.70 -5.50 4.04
CA ASN C 221 5.32 -6.76 4.57
CA ASN C 221 5.17 -6.78 4.48
C ASN C 221 4.69 -6.70 5.95
C ASN C 221 4.67 -6.69 5.89
N HIS C 222 3.51 -7.28 6.12
CA HIS C 222 2.83 -7.19 7.42
C HIS C 222 3.56 -7.96 8.54
N LEU C 223 4.56 -8.78 8.23
CA LEU C 223 5.36 -9.40 9.29
C LEU C 223 6.37 -8.43 9.92
N TRP C 224 6.82 -7.44 9.16
CA TRP C 224 7.69 -6.40 9.70
C TRP C 224 6.93 -5.08 9.73
N THR C 225 6.28 -4.79 10.85
CA THR C 225 5.33 -3.68 10.89
C THR C 225 5.97 -2.40 10.41
N VAL C 226 7.18 -2.13 10.91
CA VAL C 226 7.95 -0.94 10.53
C VAL C 226 8.07 -0.71 9.02
N SER C 227 7.96 -1.76 8.20
CA SER C 227 8.09 -1.62 6.74
C SER C 227 6.93 -0.83 6.15
N ALA C 228 5.79 -0.84 6.83
CA ALA C 228 4.64 -0.03 6.43
C ALA C 228 4.97 1.46 6.35
N LEU C 229 6.04 1.87 7.02
CA LEU C 229 6.46 3.30 7.00
C LEU C 229 6.78 3.76 5.59
N GLN C 230 7.17 2.80 4.75
CA GLN C 230 7.41 3.07 3.34
C GLN C 230 6.17 3.68 2.65
N LEU C 231 4.99 3.45 3.22
CA LEU C 231 3.75 4.01 2.65
C LEU C 231 3.35 5.33 3.32
N HIS C 232 4.07 5.70 4.36
CA HIS C 232 3.78 6.92 5.08
C HIS C 232 4.31 8.13 4.30
N PRO C 233 3.56 9.23 4.30
CA PRO C 233 3.94 10.48 3.66
C PRO C 233 5.30 11.03 4.16
N LYS C 234 5.54 10.98 5.47
CA LYS C 234 6.81 11.49 5.97
C LYS C 234 7.30 10.67 7.16
N ALA C 235 8.13 9.67 6.85
CA ALA C 235 8.75 8.82 7.86
C ALA C 235 10.27 8.93 7.74
N VAL C 236 10.96 8.93 8.86
CA VAL C 236 12.42 8.97 8.86
C VAL C 236 12.96 8.02 9.94
N ILE C 237 13.97 7.24 9.58
CA ILE C 237 14.63 6.38 10.55
C ILE C 237 16.04 6.86 10.84
N VAL C 238 16.32 7.09 12.13
CA VAL C 238 17.64 7.50 12.60
C VAL C 238 18.36 6.33 13.25
N CYS C 239 19.50 5.92 12.69
CA CYS C 239 20.17 4.71 13.17
C CYS C 239 21.67 4.86 13.47
N ASP C 240 22.22 3.84 14.13
CA ASP C 240 23.65 3.79 14.46
C ASP C 240 24.34 2.69 13.63
N GLU C 241 25.68 2.65 13.67
N GLU C 241 25.67 2.66 13.67
CA GLU C 241 26.45 1.68 12.88
CA GLU C 241 26.42 1.69 12.88
C GLU C 241 26.11 0.21 13.20
C GLU C 241 26.07 0.22 13.21
N PRO C 242 26.02 -0.16 14.51
CA PRO C 242 25.67 -1.56 14.80
C PRO C 242 24.31 -2.01 14.25
N SER C 243 23.38 -1.09 14.05
CA SER C 243 22.07 -1.48 13.54
C SER C 243 22.06 -1.70 12.03
N THR C 244 23.17 -1.37 11.35
CA THR C 244 23.23 -1.42 9.87
C THR C 244 23.96 -2.64 9.33
N GLN C 245 24.29 -3.58 10.20
CA GLN C 245 25.17 -4.68 9.81
C GLN C 245 24.57 -5.58 8.73
N GLU C 246 23.25 -5.59 8.60
CA GLU C 246 22.60 -6.45 7.61
C GLU C 246 22.32 -5.70 6.29
N LEU C 247 22.58 -4.39 6.28
CA LEU C 247 22.42 -3.60 5.05
C LEU C 247 23.57 -3.84 4.07
N LYS C 248 23.30 -3.58 2.78
CA LYS C 248 24.37 -3.56 1.80
C LYS C 248 25.23 -2.32 1.99
N VAL C 249 26.53 -2.46 1.75
CA VAL C 249 27.43 -1.33 1.67
C VAL C 249 26.84 -0.16 0.86
N LYS C 250 26.27 -0.45 -0.31
CA LYS C 250 25.78 0.64 -1.16
C LYS C 250 24.59 1.34 -0.52
N THR C 251 23.82 0.61 0.26
CA THR C 251 22.65 1.19 0.90
C THR C 251 23.05 2.26 1.91
N VAL C 252 23.95 1.89 2.81
CA VAL C 252 24.50 2.81 3.79
C VAL C 252 25.12 3.98 3.07
N LYS C 253 25.94 3.71 2.05
CA LYS C 253 26.59 4.77 1.30
C LYS C 253 25.57 5.73 0.66
N TYR C 254 24.56 5.17 -0.01
CA TYR C 254 23.46 5.98 -0.57
C TYR C 254 22.92 7.04 0.39
N PHE C 255 22.40 6.62 1.53
CA PHE C 255 21.71 7.53 2.44
C PHE C 255 22.69 8.43 3.18
N THR C 256 23.89 7.92 3.42
CA THR C 256 24.90 8.67 4.14
C THR C 256 25.24 9.91 3.31
N GLU C 257 25.31 9.74 2.00
CA GLU C 257 25.66 10.84 1.10
C GLU C 257 24.44 11.70 0.76
N LEU C 258 23.27 11.06 0.67
CA LEU C 258 22.03 11.79 0.42
C LEU C 258 21.76 12.79 1.56
N GLU C 259 21.96 12.33 2.80
CA GLU C 259 21.57 13.10 3.98
C GLU C 259 22.74 13.85 4.57
N ALA C 260 23.85 13.91 3.84
CA ALA C 260 25.10 14.48 4.34
C ALA C 260 24.99 15.88 4.96
N LYS C 261 24.20 16.75 4.33
CA LYS C 261 24.04 18.11 4.83
C LYS C 261 23.29 18.13 6.15
N ASN C 262 22.49 17.10 6.40
CA ASN C 262 21.71 17.02 7.63
C ASN C 262 22.49 16.25 8.69
N ILE C 263 23.60 15.66 8.28
CA ILE C 263 24.39 14.81 9.14
C ILE C 263 25.44 15.62 9.88
N VAL C 264 26.08 16.56 9.16
CA VAL C 264 27.16 17.35 9.75
C VAL C 264 26.73 18.02 11.06
N GLY C 265 27.62 17.93 12.05
CA GLY C 265 27.30 18.37 13.38
C GLY C 265 27.05 17.15 14.24
N PHE C 266 26.68 16.05 13.59
CA PHE C 266 26.40 14.80 14.28
C PHE C 266 27.33 13.70 13.78
#